data_3HPX
#
_entry.id   3HPX
#
_cell.length_a   48.025
_cell.length_b   70.886
_cell.length_c   70.043
_cell.angle_alpha   62.45
_cell.angle_beta   81.41
_cell.angle_gamma   70.26
#
_symmetry.space_group_name_H-M   'P 1'
#
loop_
_entity.id
_entity.type
_entity.pdbx_description
1 polymer '2-isopropylmalate synthase'
2 non-polymer 'NICKEL (II) ION'
3 non-polymer GLYCEROL
4 water water
#
_entity_poly.entity_id   1
_entity_poly.type   'polypeptide(L)'
_entity_poly.pdbx_seq_one_letter_code
;MTTSESPDAYTESFGAHTIVKPAGPPRVGQPSWNPQRASSMPVNRYRPFAEEVEPIRLRNRTWPDRVIDRAPLWCAVDLR
DGNQALIDPMSPARKRRMFDLLVRMGYKEIEVGFPSASQTDFDFVREIIEQGAIPDDVTIQVLTQCRPELIERTFQACSG
APRAIVHFYNSTSILQRRVVFRANRAEVQAIATDGARKCVEQAAKYPGTQWRFEYSPESYTGTELEYAKQVCDAVGEVIA
PTPERPIIFNLPATVEMTTPNVYADSIEWMSRNLANRESVILSLHPHNDRGTAVAAAELGFAAGADRIEGCLFGNGERTG
NVCLVTLGLNLFSRGVDPQIDFSNIDEIRRTVEYCNQLPVHERHPYGGDLVYTAFSGSHQDAINKGLDAMKLDADAADCD
VDDMLWQVPYLPIDPRDVGRTYEAV
;
_entity_poly.pdbx_strand_id   A,B
#
loop_
_chem_comp.id
_chem_comp.type
_chem_comp.name
_chem_comp.formula
GOL non-polymer GLYCEROL 'C3 H8 O3'
NI non-polymer 'NICKEL (II) ION' 'Ni 2'
#
# COMPACT_ATOMS: atom_id res chain seq x y z
N ILE A 19 -26.70 -4.10 -5.91
CA ILE A 19 -25.88 -4.89 -4.92
C ILE A 19 -26.76 -5.93 -4.21
N VAL A 20 -26.41 -7.20 -4.34
CA VAL A 20 -27.26 -8.25 -3.78
C VAL A 20 -26.52 -8.80 -2.56
N LYS A 21 -27.17 -8.83 -1.40
CA LYS A 21 -26.51 -9.34 -0.21
C LYS A 21 -26.08 -10.80 -0.50
N PRO A 22 -24.79 -11.14 -0.32
CA PRO A 22 -24.46 -12.59 -0.47
C PRO A 22 -25.42 -13.51 0.30
N ALA A 23 -25.91 -14.54 -0.36
CA ALA A 23 -26.90 -15.44 0.22
C ALA A 23 -26.51 -16.93 0.09
N GLY A 24 -25.32 -17.19 -0.47
CA GLY A 24 -24.81 -18.55 -0.59
C GLY A 24 -24.49 -19.15 0.77
N PRO A 25 -24.19 -20.44 0.82
CA PRO A 25 -23.90 -21.01 2.15
C PRO A 25 -22.53 -20.58 2.67
N PRO A 26 -22.29 -20.76 3.99
CA PRO A 26 -20.94 -20.51 4.55
C PRO A 26 -19.97 -21.57 4.01
N ARG A 27 -18.69 -21.44 4.26
CA ARG A 27 -17.70 -22.42 3.87
C ARG A 27 -17.80 -23.59 4.84
N VAL A 28 -17.40 -24.77 4.38
CA VAL A 28 -17.27 -25.92 5.27
C VAL A 28 -16.21 -25.59 6.32
N GLY A 29 -16.61 -25.68 7.58
CA GLY A 29 -15.74 -25.35 8.71
C GLY A 29 -15.66 -23.87 9.12
N GLN A 30 -16.55 -23.03 8.59
CA GLN A 30 -16.62 -21.62 8.98
C GLN A 30 -17.11 -21.57 10.41
N PRO A 31 -16.40 -20.85 11.28
CA PRO A 31 -16.88 -20.72 12.66
C PRO A 31 -18.29 -20.11 12.78
N SER A 32 -19.01 -20.52 13.80
CA SER A 32 -20.42 -20.10 13.99
C SER A 32 -20.57 -18.59 14.29
N TRP A 33 -19.50 -17.95 14.77
CA TRP A 33 -19.53 -16.51 15.04
C TRP A 33 -19.29 -15.64 13.80
N ASN A 34 -18.98 -16.30 12.67
CA ASN A 34 -18.85 -15.63 11.39
C ASN A 34 -20.08 -15.99 10.52
N PRO A 35 -21.11 -15.10 10.47
CA PRO A 35 -22.31 -15.30 9.64
C PRO A 35 -22.20 -14.92 8.19
N GLN A 36 -20.98 -14.64 7.69
CA GLN A 36 -20.76 -14.28 6.27
C GLN A 36 -21.24 -15.41 5.33
N ARG A 37 -21.74 -15.03 4.16
CA ARG A 37 -22.25 -15.97 3.17
C ARG A 37 -21.52 -15.81 1.87
N ALA A 38 -21.52 -16.88 1.07
CA ALA A 38 -20.89 -16.86 -0.24
C ALA A 38 -21.60 -15.87 -1.18
N SER A 39 -20.78 -15.07 -1.85
CA SER A 39 -21.28 -14.13 -2.84
C SER A 39 -21.49 -14.93 -4.15
N SER A 40 -22.09 -14.29 -5.15
CA SER A 40 -22.24 -14.86 -6.47
C SER A 40 -21.22 -14.26 -7.43
N MET A 41 -20.16 -13.64 -6.89
CA MET A 41 -19.06 -13.21 -7.73
C MET A 41 -18.36 -14.43 -8.39
N PRO A 42 -18.00 -14.30 -9.69
CA PRO A 42 -17.41 -15.34 -10.53
C PRO A 42 -15.92 -15.58 -10.23
N VAL A 43 -15.65 -15.99 -8.99
CA VAL A 43 -14.31 -16.34 -8.53
C VAL A 43 -13.63 -17.43 -9.36
N ASN A 44 -14.41 -18.29 -10.01
CA ASN A 44 -13.82 -19.33 -10.85
C ASN A 44 -13.11 -18.83 -12.14
N ARG A 45 -13.30 -17.57 -12.49
CA ARG A 45 -12.59 -16.94 -13.63
C ARG A 45 -11.15 -16.52 -13.29
N TYR A 46 -10.74 -16.75 -12.05
CA TYR A 46 -9.50 -16.26 -11.47
C TYR A 46 -8.82 -17.38 -10.69
N ARG A 47 -7.49 -17.44 -10.76
CA ARG A 47 -6.71 -18.55 -10.19
C ARG A 47 -5.73 -17.99 -9.19
N PRO A 48 -5.41 -18.77 -8.15
CA PRO A 48 -4.33 -18.36 -7.24
C PRO A 48 -3.07 -18.10 -8.07
N PHE A 49 -2.28 -17.14 -7.62
CA PHE A 49 -1.04 -16.81 -8.29
C PHE A 49 -0.16 -18.01 -8.68
N ALA A 50 -0.01 -18.99 -7.77
CA ALA A 50 0.82 -20.20 -8.03
C ALA A 50 0.42 -21.01 -9.30
N GLU A 51 -0.86 -21.04 -9.61
CA GLU A 51 -1.46 -21.75 -10.73
C GLU A 51 -1.54 -20.85 -11.99
N GLU A 52 -1.66 -19.54 -11.80
CA GLU A 52 -1.70 -18.62 -12.91
C GLU A 52 -0.29 -18.46 -13.50
N VAL A 53 0.70 -18.46 -12.62
CA VAL A 53 2.08 -18.32 -13.05
C VAL A 53 2.87 -19.55 -12.59
N GLU A 54 3.47 -19.49 -11.40
CA GLU A 54 4.21 -20.61 -10.86
C GLU A 54 4.31 -20.47 -9.33
N PRO A 55 4.58 -21.56 -8.61
CA PRO A 55 4.82 -21.43 -7.15
C PRO A 55 6.18 -20.79 -6.86
N ILE A 56 6.37 -20.27 -5.64
CA ILE A 56 7.64 -19.67 -5.14
C ILE A 56 8.94 -20.49 -5.26
N ARG A 57 9.84 -20.06 -6.15
CA ARG A 57 11.18 -20.71 -6.23
C ARG A 57 12.11 -20.56 -4.95
N LEU A 58 11.80 -19.62 -4.03
CA LEU A 58 12.82 -19.13 -3.00
C LEU A 58 12.98 -19.88 -1.69
N ARG A 59 14.18 -20.44 -1.49
CA ARG A 59 14.47 -21.21 -0.31
C ARG A 59 15.29 -20.34 0.57
N ASN A 60 15.03 -20.41 1.88
CA ASN A 60 15.85 -19.67 2.85
C ASN A 60 15.92 -18.15 2.61
N ARG A 61 14.76 -17.53 2.33
CA ARG A 61 14.67 -16.07 2.20
C ARG A 61 15.34 -15.30 3.33
N THR A 62 15.97 -14.18 3.00
CA THR A 62 16.58 -13.32 4.04
C THR A 62 15.97 -11.94 4.17
N TRP A 63 15.25 -11.48 3.13
CA TRP A 63 14.57 -10.15 3.23
C TRP A 63 13.72 -9.90 4.49
N PRO A 64 12.99 -10.92 5.02
CA PRO A 64 12.22 -10.58 6.22
C PRO A 64 13.06 -10.18 7.43
N ASP A 65 14.35 -10.51 7.43
CA ASP A 65 15.24 -10.17 8.51
C ASP A 65 16.11 -8.95 8.18
N ARG A 66 15.93 -8.32 7.05
CA ARG A 66 16.83 -7.19 6.79
C ARG A 66 16.11 -5.81 6.87
N VAL A 67 16.52 -4.92 7.77
CA VAL A 67 15.98 -3.58 7.83
C VAL A 67 16.75 -2.62 6.90
N ILE A 68 15.98 -1.88 6.08
CA ILE A 68 16.57 -0.87 5.19
C ILE A 68 17.40 0.15 5.99
N ASP A 69 18.65 0.31 5.60
CA ASP A 69 19.52 1.26 6.31
C ASP A 69 20.20 2.27 5.36
N ARG A 70 19.73 2.29 4.12
CA ARG A 70 20.25 3.28 3.13
C ARG A 70 19.24 3.52 2.01
N ALA A 71 19.37 4.68 1.35
CA ALA A 71 18.53 5.05 0.23
C ALA A 71 18.85 4.17 -1.01
N PRO A 72 17.82 3.76 -1.74
CA PRO A 72 18.16 3.13 -3.03
C PRO A 72 18.56 4.26 -3.99
N LEU A 73 19.16 3.90 -5.13
CA LEU A 73 19.20 4.77 -6.27
C LEU A 73 17.77 4.90 -6.77
N TRP A 74 17.34 6.15 -6.82
CA TRP A 74 16.03 6.52 -7.34
C TRP A 74 16.08 6.79 -8.86
N CYS A 75 15.04 6.34 -9.59
CA CYS A 75 14.79 6.77 -10.97
C CYS A 75 13.34 7.24 -11.08
N ALA A 76 13.18 8.51 -11.45
CA ALA A 76 11.84 9.10 -11.64
C ALA A 76 11.32 8.99 -13.06
N VAL A 77 10.14 8.38 -13.22
CA VAL A 77 9.60 8.11 -14.58
C VAL A 77 8.36 8.99 -14.88
N ASP A 78 8.28 10.13 -14.17
CA ASP A 78 7.10 11.00 -14.27
C ASP A 78 6.94 11.54 -15.70
N LEU A 79 8.06 11.75 -16.39
CA LEU A 79 8.08 12.46 -17.67
C LEU A 79 7.64 11.61 -18.84
N ARG A 80 7.71 10.29 -18.68
CA ARG A 80 7.28 9.38 -19.73
C ARG A 80 6.20 8.41 -19.24
N ASP A 81 6.56 7.49 -18.36
CA ASP A 81 5.61 6.52 -17.78
C ASP A 81 4.46 7.20 -17.04
N GLY A 82 4.78 8.33 -16.37
CA GLY A 82 3.77 9.18 -15.76
C GLY A 82 2.91 9.92 -16.78
N ASN A 83 3.52 10.75 -17.60
CA ASN A 83 2.83 11.45 -18.68
C ASN A 83 1.87 10.63 -19.57
N GLN A 84 2.28 9.40 -19.93
CA GLN A 84 1.48 8.46 -20.71
C GLN A 84 0.14 8.14 -20.01
N ALA A 85 0.14 8.21 -18.68
CA ALA A 85 -1.11 7.96 -17.90
C ALA A 85 -2.10 9.13 -17.79
N LEU A 86 -1.83 10.26 -18.43
CA LEU A 86 -2.61 11.47 -18.15
C LEU A 86 -3.81 11.65 -19.05
N ILE A 87 -4.89 12.14 -18.47
CA ILE A 87 -6.02 12.61 -19.30
C ILE A 87 -5.60 13.80 -20.16
N ASP A 88 -4.90 14.75 -19.56
CA ASP A 88 -4.38 15.89 -20.29
C ASP A 88 -2.86 15.80 -20.28
N PRO A 89 -2.27 15.48 -21.42
CA PRO A 89 -0.83 15.29 -21.58
C PRO A 89 -0.06 16.57 -21.22
N MET A 90 1.15 16.41 -20.69
CA MET A 90 1.95 17.57 -20.30
C MET A 90 2.31 18.32 -21.56
N SER A 91 2.11 19.64 -21.50
CA SER A 91 2.56 20.57 -22.54
C SER A 91 4.09 20.68 -22.41
N PRO A 92 4.81 21.19 -23.44
CA PRO A 92 6.24 21.45 -23.26
C PRO A 92 6.61 22.21 -21.95
N ALA A 93 5.81 23.20 -21.55
CA ALA A 93 6.03 23.99 -20.33
C ALA A 93 5.89 23.16 -19.06
N ARG A 94 4.83 22.34 -18.96
CA ARG A 94 4.60 21.44 -17.80
C ARG A 94 5.71 20.34 -17.73
N LYS A 95 6.18 19.82 -18.86
CA LYS A 95 7.32 18.91 -18.87
C LYS A 95 8.59 19.56 -18.29
N ARG A 96 8.93 20.79 -18.72
CA ARG A 96 10.12 21.48 -18.17
C ARG A 96 9.99 21.77 -16.70
N ARG A 97 8.79 22.12 -16.25
CA ARG A 97 8.56 22.32 -14.83
C ARG A 97 8.78 21.03 -14.03
N MET A 98 8.29 19.91 -14.54
CA MET A 98 8.51 18.59 -13.93
C MET A 98 9.98 18.17 -13.91
N PHE A 99 10.66 18.31 -15.05
CA PHE A 99 12.09 18.04 -15.07
C PHE A 99 12.86 18.90 -14.05
N ASP A 100 12.62 20.20 -14.03
CA ASP A 100 13.25 21.14 -13.06
C ASP A 100 13.00 20.72 -11.57
N LEU A 101 11.77 20.37 -11.28
CA LEU A 101 11.41 19.94 -9.92
C LEU A 101 12.22 18.70 -9.56
N LEU A 102 12.20 17.72 -10.47
CA LEU A 102 12.92 16.44 -10.24
C LEU A 102 14.41 16.65 -10.03
N VAL A 103 15.01 17.47 -10.91
CA VAL A 103 16.41 17.90 -10.67
C VAL A 103 16.67 18.58 -9.30
N ARG A 104 15.83 19.55 -8.89
CA ARG A 104 16.09 20.32 -7.64
C ARG A 104 15.89 19.44 -6.38
N MET A 105 15.03 18.44 -6.50
CA MET A 105 14.77 17.49 -5.42
C MET A 105 15.96 16.60 -5.10
N GLY A 106 16.75 16.34 -6.13
CA GLY A 106 17.95 15.53 -6.00
C GLY A 106 17.98 14.28 -6.82
N TYR A 107 16.99 14.05 -7.69
CA TYR A 107 16.97 12.81 -8.55
C TYR A 107 18.07 12.86 -9.64
N LYS A 108 18.73 11.74 -9.86
CA LYS A 108 19.91 11.67 -10.73
C LYS A 108 19.69 10.85 -12.02
N GLU A 109 18.65 10.03 -12.04
CA GLU A 109 18.22 9.31 -13.25
C GLU A 109 16.76 9.65 -13.50
N ILE A 110 16.52 10.17 -14.69
CA ILE A 110 15.20 10.71 -15.02
C ILE A 110 14.80 10.26 -16.41
N GLU A 111 13.73 9.46 -16.49
CA GLU A 111 13.10 9.04 -17.73
C GLU A 111 12.52 10.23 -18.52
N VAL A 112 12.88 10.44 -19.77
CA VAL A 112 12.51 11.66 -20.47
C VAL A 112 11.67 11.44 -21.70
N GLY A 113 11.53 10.18 -22.13
CA GLY A 113 10.72 9.89 -23.32
C GLY A 113 10.77 8.51 -23.95
N PHE A 114 9.87 8.33 -24.93
CA PHE A 114 9.69 7.13 -25.77
C PHE A 114 9.85 7.76 -27.19
N PRO A 115 11.03 8.36 -27.46
CA PRO A 115 11.17 9.30 -28.57
C PRO A 115 10.95 8.71 -29.97
N SER A 116 11.09 7.38 -30.09
CA SER A 116 10.90 6.68 -31.33
C SER A 116 9.41 6.46 -31.63
N ALA A 117 8.54 6.59 -30.64
CA ALA A 117 7.11 6.34 -30.87
C ALA A 117 6.26 7.60 -30.74
N SER A 118 6.88 8.67 -30.27
CA SER A 118 6.21 9.93 -29.89
C SER A 118 7.02 11.14 -30.35
N GLN A 119 6.51 11.87 -31.33
CA GLN A 119 7.20 13.09 -31.80
C GLN A 119 7.39 14.16 -30.68
N THR A 120 6.40 14.31 -29.82
CA THR A 120 6.48 15.29 -28.72
C THR A 120 7.53 14.89 -27.68
N ASP A 121 7.62 13.58 -27.37
CA ASP A 121 8.76 12.98 -26.64
C ASP A 121 10.07 13.31 -27.36
N PHE A 122 10.10 13.03 -28.67
CA PHE A 122 11.31 13.27 -29.44
C PHE A 122 11.74 14.77 -29.30
N ASP A 123 10.79 15.67 -29.54
CA ASP A 123 11.02 17.14 -29.43
C ASP A 123 11.56 17.58 -28.07
N PHE A 124 10.95 17.03 -27.00
CA PHE A 124 11.40 17.32 -25.63
C PHE A 124 12.86 16.88 -25.36
N VAL A 125 13.21 15.66 -25.80
CA VAL A 125 14.59 15.12 -25.63
C VAL A 125 15.62 16.06 -26.28
N ARG A 126 15.35 16.47 -27.54
CA ARG A 126 16.14 17.46 -28.31
C ARG A 126 16.31 18.79 -27.59
N GLU A 127 15.21 19.34 -27.11
CA GLU A 127 15.20 20.56 -26.32
C GLU A 127 16.09 20.53 -25.07
N ILE A 128 15.96 19.49 -24.23
CA ILE A 128 16.77 19.46 -23.03
C ILE A 128 18.25 19.28 -23.39
N ILE A 129 18.53 18.51 -24.46
CA ILE A 129 19.91 18.28 -24.92
C ILE A 129 20.50 19.56 -25.53
N GLU A 130 19.81 20.14 -26.51
CA GLU A 130 20.28 21.35 -27.22
C GLU A 130 20.33 22.61 -26.38
N GLN A 131 19.45 22.74 -25.39
CA GLN A 131 19.42 23.93 -24.54
C GLN A 131 20.31 23.84 -23.30
N GLY A 132 20.96 22.71 -23.11
CA GLY A 132 21.80 22.50 -21.93
C GLY A 132 21.08 22.43 -20.60
N ALA A 133 19.87 21.87 -20.61
CA ALA A 133 19.07 21.66 -19.40
C ALA A 133 19.54 20.54 -18.46
N ILE A 134 20.39 19.63 -18.94
CA ILE A 134 20.75 18.43 -18.10
C ILE A 134 21.98 18.70 -17.21
N PRO A 135 21.82 18.64 -15.85
CA PRO A 135 22.96 18.81 -14.94
C PRO A 135 23.96 17.68 -15.20
N ASP A 136 25.22 17.92 -14.88
CA ASP A 136 26.28 16.96 -15.15
C ASP A 136 26.08 15.65 -14.42
N ASP A 137 25.44 15.67 -13.23
CA ASP A 137 25.24 14.37 -12.50
C ASP A 137 23.88 13.72 -12.78
N VAL A 138 23.17 14.19 -13.82
CA VAL A 138 21.87 13.59 -14.22
C VAL A 138 22.06 12.72 -15.47
N THR A 139 21.47 11.53 -15.45
CA THR A 139 21.46 10.69 -16.61
C THR A 139 20.03 10.56 -17.08
N ILE A 140 19.76 11.11 -18.28
CA ILE A 140 18.47 10.90 -18.97
C ILE A 140 18.21 9.45 -19.37
N GLN A 141 16.96 9.04 -19.27
CA GLN A 141 16.58 7.69 -19.64
C GLN A 141 15.55 7.71 -20.75
N VAL A 142 15.79 6.90 -21.78
CA VAL A 142 14.83 6.77 -22.87
C VAL A 142 14.34 5.33 -23.07
N LEU A 143 13.06 5.23 -23.34
CA LEU A 143 12.42 3.92 -23.55
C LEU A 143 12.37 3.60 -25.05
N THR A 144 12.66 2.35 -25.36
CA THR A 144 12.43 1.81 -26.71
C THR A 144 12.01 0.34 -26.73
N GLN A 145 11.23 0.00 -27.74
CA GLN A 145 10.92 -1.37 -28.04
C GLN A 145 12.04 -2.00 -28.87
N CYS A 146 12.01 -3.33 -29.03
CA CYS A 146 13.15 -4.02 -29.68
C CYS A 146 13.39 -3.93 -31.22
N ARG A 147 12.38 -3.56 -31.99
CA ARG A 147 12.54 -3.36 -33.44
C ARG A 147 13.77 -2.48 -33.82
N PRO A 148 14.56 -2.90 -34.85
CA PRO A 148 15.83 -2.21 -35.10
C PRO A 148 15.67 -0.74 -35.49
N GLU A 149 14.62 -0.43 -36.23
CA GLU A 149 14.43 0.95 -36.65
C GLU A 149 14.02 1.89 -35.49
N LEU A 150 13.28 1.35 -34.51
CA LEU A 150 12.88 2.12 -33.32
C LEU A 150 14.12 2.36 -32.48
N ILE A 151 14.93 1.31 -32.30
CA ILE A 151 16.24 1.44 -31.61
C ILE A 151 17.13 2.51 -32.27
N GLU A 152 17.19 2.55 -33.61
CA GLU A 152 17.96 3.61 -34.31
C GLU A 152 17.45 5.04 -34.05
N ARG A 153 16.14 5.20 -34.09
CA ARG A 153 15.50 6.50 -33.83
C ARG A 153 15.75 6.98 -32.36
N THR A 154 15.87 6.03 -31.41
CA THR A 154 16.09 6.30 -30.00
C THR A 154 17.47 6.91 -29.82
N PHE A 155 18.47 6.26 -30.41
CA PHE A 155 19.85 6.77 -30.41
C PHE A 155 19.99 8.17 -31.09
N GLN A 156 19.34 8.37 -32.23
CA GLN A 156 19.29 9.69 -32.89
C GLN A 156 18.69 10.80 -32.03
N ALA A 157 17.58 10.52 -31.33
CA ALA A 157 16.99 11.49 -30.39
C ALA A 157 17.99 11.97 -29.36
N CYS A 158 18.89 11.06 -28.97
CA CYS A 158 19.78 11.30 -27.85
C CYS A 158 21.09 11.86 -28.34
N SER A 159 21.15 12.19 -29.63
CA SER A 159 22.38 12.74 -30.24
C SER A 159 22.86 13.99 -29.50
N GLY A 160 24.11 13.98 -29.06
CA GLY A 160 24.61 15.14 -28.32
C GLY A 160 24.52 15.04 -26.80
N ALA A 161 23.77 14.07 -26.29
CA ALA A 161 23.69 13.83 -24.83
C ALA A 161 25.04 13.36 -24.36
N PRO A 162 25.51 13.89 -23.21
CA PRO A 162 26.78 13.43 -22.70
C PRO A 162 26.72 12.03 -22.15
N ARG A 163 25.53 11.64 -21.66
CA ARG A 163 25.23 10.30 -21.20
C ARG A 163 23.72 10.02 -21.25
N ALA A 164 23.39 8.76 -21.41
CA ALA A 164 21.97 8.34 -21.54
C ALA A 164 21.88 6.90 -21.16
N ILE A 165 20.73 6.55 -20.60
CA ILE A 165 20.30 5.18 -20.46
C ILE A 165 19.27 4.86 -21.55
N VAL A 166 19.62 3.88 -22.40
CA VAL A 166 18.71 3.31 -23.34
C VAL A 166 18.04 2.08 -22.69
N HIS A 167 16.74 2.22 -22.41
CA HIS A 167 15.94 1.17 -21.79
C HIS A 167 15.14 0.45 -22.90
N PHE A 168 15.56 -0.78 -23.24
CA PHE A 168 14.86 -1.63 -24.17
C PHE A 168 14.16 -2.76 -23.46
N TYR A 169 13.02 -3.17 -24.00
CA TYR A 169 12.21 -4.14 -23.29
C TYR A 169 11.38 -5.00 -24.24
N ASN A 170 10.94 -6.14 -23.73
CA ASN A 170 9.91 -6.91 -24.40
C ASN A 170 9.19 -7.78 -23.39
N SER A 171 7.92 -7.98 -23.67
CA SER A 171 7.09 -8.81 -22.83
C SER A 171 7.46 -10.28 -22.84
N THR A 172 7.74 -10.81 -21.63
CA THR A 172 8.15 -12.20 -21.40
C THR A 172 7.11 -13.14 -20.71
N SER A 173 5.95 -12.60 -20.32
CA SER A 173 4.99 -13.38 -19.52
C SER A 173 4.44 -14.61 -20.26
N ILE A 174 3.99 -15.60 -19.49
CA ILE A 174 3.28 -16.79 -20.05
C ILE A 174 2.11 -16.35 -20.95
N LEU A 175 1.24 -15.47 -20.43
CA LEU A 175 0.12 -14.96 -21.24
C LEU A 175 0.51 -14.24 -22.54
N GLN A 176 1.43 -13.29 -22.48
CA GLN A 176 1.84 -12.54 -23.67
C GLN A 176 2.57 -13.36 -24.74
N ARG A 177 3.47 -14.25 -24.30
CA ARG A 177 4.07 -15.25 -25.20
C ARG A 177 2.97 -15.99 -26.00
N ARG A 178 1.91 -16.45 -25.31
CA ARG A 178 0.84 -17.16 -25.99
C ARG A 178 -0.08 -16.28 -26.91
N VAL A 179 -0.73 -15.27 -26.34
CA VAL A 179 -1.80 -14.54 -27.07
C VAL A 179 -1.31 -13.32 -27.87
N VAL A 180 -0.19 -12.75 -27.47
CA VAL A 180 0.33 -11.55 -28.15
C VAL A 180 1.40 -11.95 -29.17
N PHE A 181 2.36 -12.78 -28.76
CA PHE A 181 3.46 -13.13 -29.66
C PHE A 181 3.26 -14.42 -30.39
N ARG A 182 2.41 -15.30 -29.85
CA ARG A 182 2.23 -16.68 -30.36
C ARG A 182 3.57 -17.36 -30.63
N ALA A 183 4.42 -17.31 -29.62
CA ALA A 183 5.84 -17.64 -29.72
C ALA A 183 6.28 -18.33 -28.44
N ASN A 184 7.24 -19.20 -28.66
CA ASN A 184 7.93 -19.97 -27.65
C ASN A 184 9.02 -19.17 -26.92
N ARG A 185 9.67 -19.83 -25.96
CA ARG A 185 10.63 -19.19 -25.08
C ARG A 185 11.86 -18.69 -25.79
N ALA A 186 12.47 -19.54 -26.64
CA ALA A 186 13.64 -19.18 -27.43
C ALA A 186 13.36 -17.98 -28.33
N GLU A 187 12.20 -18.01 -28.98
CA GLU A 187 11.88 -16.95 -29.92
C GLU A 187 11.74 -15.56 -29.22
N VAL A 188 11.06 -15.52 -28.10
CA VAL A 188 10.88 -14.33 -27.28
C VAL A 188 12.24 -13.85 -26.68
N GLN A 189 13.11 -14.78 -26.25
CA GLN A 189 14.48 -14.42 -25.80
C GLN A 189 15.32 -13.75 -26.90
N ALA A 190 15.25 -14.27 -28.14
CA ALA A 190 15.88 -13.72 -29.35
C ALA A 190 15.47 -12.26 -29.70
N ILE A 191 14.22 -11.90 -29.48
CA ILE A 191 13.77 -10.47 -29.55
C ILE A 191 14.63 -9.58 -28.67
N ALA A 192 14.77 -9.99 -27.42
CA ALA A 192 15.58 -9.25 -26.45
C ALA A 192 17.07 -9.25 -26.77
N THR A 193 17.64 -10.43 -27.05
CA THR A 193 19.08 -10.48 -27.43
C THR A 193 19.39 -9.75 -28.75
N ASP A 194 18.50 -9.88 -29.75
CA ASP A 194 18.62 -9.06 -31.00
C ASP A 194 18.54 -7.57 -30.74
N GLY A 195 17.59 -7.15 -29.89
CA GLY A 195 17.59 -5.77 -29.34
C GLY A 195 18.93 -5.32 -28.70
N ALA A 196 19.53 -6.16 -27.83
CA ALA A 196 20.80 -5.83 -27.18
C ALA A 196 21.93 -5.68 -28.21
N ARG A 197 21.98 -6.60 -29.18
CA ARG A 197 22.95 -6.55 -30.29
C ARG A 197 22.84 -5.24 -31.10
N LYS A 198 21.60 -4.86 -31.42
CA LYS A 198 21.39 -3.57 -32.05
C LYS A 198 21.85 -2.38 -31.21
N CYS A 199 21.65 -2.44 -29.89
CA CYS A 199 22.06 -1.34 -29.01
C CYS A 199 23.57 -1.21 -29.01
N VAL A 200 24.25 -2.36 -29.01
CA VAL A 200 25.70 -2.40 -29.05
C VAL A 200 26.20 -1.81 -30.37
N GLU A 201 25.61 -2.24 -31.49
CA GLU A 201 25.93 -1.65 -32.81
C GLU A 201 25.76 -0.11 -32.83
N GLN A 202 24.61 0.36 -32.39
CA GLN A 202 24.30 1.80 -32.33
C GLN A 202 25.18 2.64 -31.38
N ALA A 203 25.54 2.09 -30.21
CA ALA A 203 26.44 2.80 -29.29
C ALA A 203 27.81 3.06 -29.94
N ALA A 204 28.30 2.09 -30.72
CA ALA A 204 29.59 2.13 -31.41
C ALA A 204 29.53 3.17 -32.53
N LYS A 205 28.34 3.33 -33.11
CA LYS A 205 28.07 4.33 -34.13
C LYS A 205 28.09 5.75 -33.54
N TYR A 206 27.77 5.89 -32.24
CA TYR A 206 27.70 7.21 -31.59
C TYR A 206 28.66 7.42 -30.42
N PRO A 207 29.98 7.37 -30.69
CA PRO A 207 30.92 7.62 -29.59
C PRO A 207 30.76 9.01 -28.94
N GLY A 208 31.37 9.24 -27.81
CA GLY A 208 31.17 10.57 -27.23
C GLY A 208 29.88 10.80 -26.46
N THR A 209 28.80 10.06 -26.76
CA THR A 209 27.79 9.83 -25.72
C THR A 209 28.22 8.60 -24.92
N GLN A 210 28.17 8.71 -23.61
CA GLN A 210 28.40 7.55 -22.75
C GLN A 210 27.08 6.77 -22.60
N TRP A 211 26.92 5.67 -23.34
CA TRP A 211 25.68 4.92 -23.33
C TRP A 211 25.67 3.92 -22.19
N ARG A 212 24.53 3.84 -21.52
CA ARG A 212 24.30 2.87 -20.49
C ARG A 212 23.06 2.14 -20.92
N PHE A 213 22.89 0.88 -20.49
CA PHE A 213 21.73 0.07 -20.86
C PHE A 213 20.87 -0.39 -19.70
N GLU A 214 19.58 -0.48 -20.00
CA GLU A 214 18.62 -1.08 -19.09
C GLU A 214 17.73 -2.00 -19.91
N TYR A 215 17.49 -3.21 -19.38
CA TYR A 215 16.64 -4.23 -19.98
C TYR A 215 15.54 -4.61 -18.97
N SER A 216 14.30 -4.70 -19.45
CA SER A 216 13.19 -5.23 -18.63
C SER A 216 12.54 -6.42 -19.31
N PRO A 217 12.44 -7.59 -18.61
CA PRO A 217 11.48 -8.60 -19.09
C PRO A 217 10.08 -8.12 -18.68
N GLU A 218 9.42 -7.47 -19.62
CA GLU A 218 8.21 -6.75 -19.30
C GLU A 218 7.15 -7.80 -18.88
N SER A 219 6.25 -7.43 -17.95
CA SER A 219 5.30 -8.43 -17.36
C SER A 219 6.04 -9.59 -16.64
N TYR A 220 7.13 -9.19 -15.97
CA TYR A 220 8.01 -10.03 -15.19
C TYR A 220 7.30 -10.82 -14.11
N THR A 221 6.33 -10.19 -13.48
CA THR A 221 5.51 -10.86 -12.45
C THR A 221 4.56 -11.94 -13.04
N GLY A 222 4.33 -11.90 -14.36
CA GLY A 222 3.62 -12.99 -15.06
C GLY A 222 4.54 -14.01 -15.76
N THR A 223 5.84 -13.97 -15.46
CA THR A 223 6.87 -14.74 -16.17
C THR A 223 7.52 -15.71 -15.17
N GLU A 224 7.76 -16.96 -15.61
CA GLU A 224 8.55 -17.91 -14.83
C GLU A 224 9.94 -17.33 -14.54
N LEU A 225 10.31 -17.39 -13.27
CA LEU A 225 11.60 -16.89 -12.85
C LEU A 225 12.77 -17.45 -13.60
N GLU A 226 12.81 -18.77 -13.82
CA GLU A 226 13.99 -19.40 -14.48
C GLU A 226 14.11 -18.80 -15.88
N TYR A 227 12.98 -18.54 -16.51
CA TYR A 227 12.95 -17.94 -17.84
C TYR A 227 13.37 -16.44 -17.78
N ALA A 228 12.84 -15.67 -16.80
CA ALA A 228 13.28 -14.30 -16.57
C ALA A 228 14.79 -14.24 -16.39
N LYS A 229 15.37 -15.10 -15.54
CA LYS A 229 16.86 -15.12 -15.38
C LYS A 229 17.58 -15.47 -16.70
N GLN A 230 17.02 -16.41 -17.46
CA GLN A 230 17.59 -16.79 -18.77
C GLN A 230 17.68 -15.67 -19.79
N VAL A 231 16.59 -14.93 -19.93
CA VAL A 231 16.56 -13.83 -20.91
C VAL A 231 17.55 -12.75 -20.45
N CYS A 232 17.53 -12.41 -19.15
CA CYS A 232 18.41 -11.37 -18.59
C CYS A 232 19.85 -11.79 -18.75
N ASP A 233 20.18 -13.01 -18.28
CA ASP A 233 21.56 -13.49 -18.52
C ASP A 233 21.99 -13.36 -19.99
N ALA A 234 21.10 -13.73 -20.93
CA ALA A 234 21.45 -13.71 -22.39
C ALA A 234 21.70 -12.26 -22.85
N VAL A 235 20.90 -11.32 -22.34
CA VAL A 235 20.99 -9.92 -22.75
C VAL A 235 22.33 -9.40 -22.24
N GLY A 236 22.65 -9.75 -20.97
CA GLY A 236 23.88 -9.38 -20.31
C GLY A 236 25.11 -9.87 -21.07
N GLU A 237 25.09 -11.15 -21.49
CA GLU A 237 26.19 -11.65 -22.37
C GLU A 237 26.50 -10.71 -23.54
N VAL A 238 25.47 -10.31 -24.30
CA VAL A 238 25.65 -9.39 -25.44
C VAL A 238 26.25 -8.05 -25.03
N ILE A 239 25.69 -7.43 -24.00
CA ILE A 239 26.06 -6.10 -23.53
C ILE A 239 27.43 -6.10 -22.87
N ALA A 240 27.80 -7.23 -22.23
CA ALA A 240 29.07 -7.40 -21.52
C ALA A 240 29.34 -6.29 -20.47
N PRO A 241 28.40 -6.11 -19.51
CA PRO A 241 28.65 -5.07 -18.49
C PRO A 241 29.81 -5.46 -17.55
N THR A 242 30.30 -4.50 -16.77
CA THR A 242 31.38 -4.71 -15.82
C THR A 242 30.98 -3.97 -14.57
N PRO A 243 31.67 -4.23 -13.42
CA PRO A 243 31.29 -3.47 -12.21
C PRO A 243 31.36 -1.95 -12.38
N GLU A 244 32.28 -1.50 -13.21
CA GLU A 244 32.36 -0.07 -13.48
C GLU A 244 31.40 0.39 -14.57
N ARG A 245 30.99 -0.47 -15.52
CA ARG A 245 29.99 -0.10 -16.53
C ARG A 245 28.82 -1.10 -16.38
N PRO A 246 28.05 -1.01 -15.27
CA PRO A 246 27.03 -2.05 -15.07
C PRO A 246 25.84 -1.98 -16.04
N ILE A 247 25.09 -3.06 -16.13
CA ILE A 247 23.77 -3.09 -16.76
C ILE A 247 22.65 -2.98 -15.69
N ILE A 248 21.56 -2.29 -16.04
CA ILE A 248 20.34 -2.32 -15.25
C ILE A 248 19.43 -3.43 -15.76
N PHE A 249 19.13 -4.38 -14.89
CA PHE A 249 17.96 -5.26 -15.12
C PHE A 249 16.81 -4.80 -14.24
N ASN A 250 15.75 -4.32 -14.89
CA ASN A 250 14.59 -3.74 -14.18
C ASN A 250 13.44 -4.78 -14.24
N LEU A 251 12.86 -5.11 -13.09
CA LEU A 251 11.93 -6.19 -13.01
C LEU A 251 10.57 -5.59 -12.65
N PRO A 252 9.72 -5.36 -13.66
CA PRO A 252 8.49 -4.63 -13.39
C PRO A 252 7.35 -5.51 -12.87
N ALA A 253 6.65 -5.06 -11.84
CA ALA A 253 5.30 -5.64 -11.60
C ALA A 253 4.36 -4.93 -12.52
N THR A 254 4.45 -5.25 -13.84
CA THR A 254 3.56 -4.65 -14.89
C THR A 254 2.07 -4.68 -14.53
N VAL A 255 1.63 -5.83 -14.07
CA VAL A 255 0.42 -5.92 -13.23
C VAL A 255 0.99 -6.42 -11.90
N GLU A 256 0.64 -5.73 -10.79
CA GLU A 256 0.82 -6.27 -9.44
C GLU A 256 -0.17 -7.46 -9.29
N MET A 257 0.35 -8.69 -9.15
CA MET A 257 -0.43 -9.90 -9.36
C MET A 257 -0.67 -10.62 -8.05
N THR A 258 0.24 -10.46 -7.12
CA THR A 258 -0.02 -11.06 -5.83
C THR A 258 0.54 -10.19 -4.72
N THR A 259 0.64 -10.76 -3.52
CA THR A 259 1.09 -10.05 -2.33
C THR A 259 2.58 -9.64 -2.43
N PRO A 260 2.95 -8.55 -1.76
CA PRO A 260 4.36 -8.04 -1.92
C PRO A 260 5.48 -8.94 -1.35
N ASN A 261 5.17 -9.85 -0.42
CA ASN A 261 6.16 -10.86 -0.01
C ASN A 261 6.64 -11.77 -1.16
N VAL A 262 5.75 -12.14 -2.07
CA VAL A 262 6.08 -13.00 -3.21
C VAL A 262 6.90 -12.23 -4.28
N TYR A 263 6.53 -10.98 -4.55
CA TYR A 263 7.43 -10.07 -5.29
C TYR A 263 8.84 -10.03 -4.73
N ALA A 264 8.94 -9.84 -3.41
CA ALA A 264 10.25 -9.70 -2.74
C ALA A 264 11.05 -11.02 -2.86
N ASP A 265 10.38 -12.15 -2.62
CA ASP A 265 10.99 -13.48 -2.80
C ASP A 265 11.57 -13.61 -4.20
N SER A 266 10.81 -13.16 -5.21
CA SER A 266 11.23 -13.25 -6.64
C SER A 266 12.50 -12.39 -6.87
N ILE A 267 12.48 -11.19 -6.30
CA ILE A 267 13.60 -10.26 -6.36
C ILE A 267 14.86 -10.84 -5.69
N GLU A 268 14.68 -11.44 -4.51
CA GLU A 268 15.81 -12.10 -3.84
C GLU A 268 16.36 -13.27 -4.70
N TRP A 269 15.47 -14.11 -5.22
CA TRP A 269 15.86 -15.21 -6.10
C TRP A 269 16.70 -14.73 -7.33
N MET A 270 16.22 -13.71 -8.02
CA MET A 270 16.95 -13.02 -9.07
C MET A 270 18.31 -12.39 -8.66
N SER A 271 18.35 -11.72 -7.51
CA SER A 271 19.56 -11.09 -7.00
C SER A 271 20.63 -12.16 -6.69
N ARG A 272 20.17 -13.26 -6.09
CA ARG A 272 20.99 -14.42 -5.73
C ARG A 272 21.50 -15.16 -6.95
N ASN A 273 20.64 -15.27 -7.97
CA ASN A 273 20.94 -16.13 -9.10
C ASN A 273 21.34 -15.52 -10.43
N LEU A 274 21.05 -14.25 -10.70
CA LEU A 274 21.49 -13.67 -11.98
C LEU A 274 23.02 -13.76 -12.19
N ALA A 275 23.47 -14.09 -13.40
CA ALA A 275 24.90 -14.14 -13.77
C ALA A 275 25.57 -12.76 -13.67
N ASN A 276 26.85 -12.75 -13.30
CA ASN A 276 27.63 -11.49 -13.30
C ASN A 276 26.94 -10.45 -12.39
N ARG A 277 26.58 -10.85 -11.16
CA ARG A 277 25.71 -10.03 -10.30
C ARG A 277 26.34 -8.69 -9.95
N GLU A 278 27.65 -8.70 -9.77
CA GLU A 278 28.30 -7.44 -9.41
C GLU A 278 28.48 -6.45 -10.58
N SER A 279 28.07 -6.85 -11.77
CA SER A 279 27.90 -5.90 -12.90
C SER A 279 26.45 -5.52 -13.24
N VAL A 280 25.53 -5.84 -12.34
CA VAL A 280 24.09 -5.64 -12.52
C VAL A 280 23.60 -4.58 -11.51
N ILE A 281 22.88 -3.59 -11.98
CA ILE A 281 22.07 -2.78 -11.05
C ILE A 281 20.67 -3.39 -11.10
N LEU A 282 20.25 -4.03 -10.01
CA LEU A 282 18.91 -4.63 -9.96
C LEU A 282 17.81 -3.62 -9.61
N SER A 283 16.88 -3.43 -10.54
CA SER A 283 15.97 -2.32 -10.46
C SER A 283 14.54 -2.84 -10.31
N LEU A 284 13.72 -2.12 -9.53
CA LEU A 284 12.29 -2.49 -9.29
C LEU A 284 11.39 -1.50 -9.99
N HIS A 285 10.26 -2.01 -10.53
CA HIS A 285 9.21 -1.09 -11.08
C HIS A 285 7.81 -1.58 -10.73
N PRO A 286 7.37 -1.32 -9.48
CA PRO A 286 6.15 -1.96 -9.00
C PRO A 286 4.87 -1.11 -9.20
N HIS A 287 3.87 -1.67 -9.91
CA HIS A 287 2.58 -1.02 -10.02
C HIS A 287 1.65 -1.38 -8.84
N ASN A 288 0.49 -0.74 -8.79
CA ASN A 288 -0.30 -0.72 -7.56
C ASN A 288 -1.68 -1.42 -7.67
N ASP A 289 -1.81 -2.35 -8.62
CA ASP A 289 -3.09 -3.01 -8.94
C ASP A 289 -3.79 -3.59 -7.69
N ARG A 290 -2.99 -4.06 -6.73
CA ARG A 290 -3.52 -4.63 -5.49
C ARG A 290 -3.36 -3.65 -4.30
N GLY A 291 -2.95 -2.42 -4.58
CA GLY A 291 -2.67 -1.39 -3.54
C GLY A 291 -1.43 -1.63 -2.69
N THR A 292 -0.54 -2.50 -3.15
CA THR A 292 0.62 -2.81 -2.33
C THR A 292 1.97 -2.48 -3.00
N ALA A 293 1.97 -1.51 -3.91
CA ALA A 293 3.22 -1.10 -4.61
C ALA A 293 4.38 -0.68 -3.68
N VAL A 294 4.07 0.20 -2.73
CA VAL A 294 5.07 0.67 -1.76
C VAL A 294 5.69 -0.49 -0.96
N ALA A 295 4.83 -1.41 -0.52
CA ALA A 295 5.28 -2.58 0.22
C ALA A 295 6.17 -3.49 -0.63
N ALA A 296 5.78 -3.76 -1.87
CA ALA A 296 6.61 -4.55 -2.83
C ALA A 296 7.99 -3.92 -3.02
N ALA A 297 8.00 -2.59 -3.14
CA ALA A 297 9.24 -1.86 -3.32
C ALA A 297 10.13 -2.02 -2.08
N GLU A 298 9.53 -1.88 -0.89
CA GLU A 298 10.27 -1.85 0.38
C GLU A 298 10.82 -3.22 0.73
N LEU A 299 9.99 -4.24 0.57
CA LEU A 299 10.35 -5.64 0.72
C LEU A 299 11.39 -6.11 -0.33
N GLY A 300 11.14 -5.72 -1.55
CA GLY A 300 11.98 -5.98 -2.71
C GLY A 300 13.35 -5.34 -2.58
N PHE A 301 13.40 -4.15 -1.99
CA PHE A 301 14.68 -3.47 -1.71
C PHE A 301 15.49 -4.24 -0.63
N ALA A 302 14.81 -4.66 0.45
CA ALA A 302 15.42 -5.54 1.45
C ALA A 302 15.91 -6.91 0.85
N ALA A 303 15.20 -7.44 -0.15
CA ALA A 303 15.63 -8.61 -0.91
C ALA A 303 16.90 -8.43 -1.76
N GLY A 304 17.40 -7.22 -1.87
CA GLY A 304 18.68 -7.01 -2.60
C GLY A 304 18.65 -6.15 -3.86
N ALA A 305 17.49 -5.58 -4.16
CA ALA A 305 17.40 -4.68 -5.30
C ALA A 305 18.33 -3.52 -5.05
N ASP A 306 18.75 -2.83 -6.11
CA ASP A 306 19.67 -1.67 -5.96
C ASP A 306 18.99 -0.35 -6.29
N ARG A 307 17.89 -0.43 -7.02
CA ARG A 307 17.33 0.73 -7.70
C ARG A 307 15.80 0.61 -7.75
N ILE A 308 15.09 1.73 -7.64
CA ILE A 308 13.63 1.77 -7.71
C ILE A 308 13.16 2.87 -8.71
N GLU A 309 12.33 2.43 -9.67
CA GLU A 309 11.62 3.29 -10.59
C GLU A 309 10.18 3.55 -10.04
N GLY A 310 9.84 4.84 -9.90
CA GLY A 310 8.52 5.35 -9.42
C GLY A 310 8.24 6.77 -9.91
N CYS A 311 7.14 7.32 -9.41
CA CYS A 311 6.69 8.71 -9.68
C CYS A 311 6.35 9.40 -8.38
N LEU A 312 6.44 10.71 -8.39
CA LEU A 312 5.96 11.58 -7.28
C LEU A 312 4.47 11.40 -7.14
N PHE A 313 4.01 11.11 -5.94
CA PHE A 313 2.58 10.80 -5.71
C PHE A 313 1.93 9.71 -6.53
N GLY A 314 2.80 8.79 -7.02
CA GLY A 314 2.45 7.54 -7.67
C GLY A 314 1.61 7.53 -8.94
N ASN A 315 1.81 8.57 -9.74
CA ASN A 315 1.24 8.66 -11.05
C ASN A 315 1.77 7.55 -11.97
N GLY A 316 0.91 7.05 -12.86
CA GLY A 316 1.27 6.02 -13.82
C GLY A 316 -0.02 5.35 -14.20
N GLU A 317 0.00 4.51 -15.23
CA GLU A 317 -1.31 4.05 -15.74
C GLU A 317 -2.13 3.28 -14.70
N ARG A 318 -3.46 3.42 -14.83
CA ARG A 318 -4.42 2.75 -13.98
C ARG A 318 -4.21 3.04 -12.49
N THR A 319 -3.74 2.07 -11.71
CA THR A 319 -3.52 2.35 -10.27
C THR A 319 -2.18 3.07 -10.03
N GLY A 320 -1.33 3.12 -11.03
CA GLY A 320 -0.17 3.99 -10.94
C GLY A 320 1.14 3.31 -10.62
N ASN A 321 2.22 4.09 -10.54
CA ASN A 321 3.55 3.63 -10.13
C ASN A 321 3.74 3.77 -8.65
N VAL A 322 4.77 3.10 -8.14
CA VAL A 322 5.09 3.26 -6.71
C VAL A 322 5.38 4.72 -6.42
N CYS A 323 4.86 5.23 -5.31
CA CYS A 323 5.05 6.63 -4.98
C CYS A 323 6.45 6.88 -4.38
N LEU A 324 7.20 7.74 -5.05
CA LEU A 324 8.55 8.11 -4.63
C LEU A 324 8.59 8.93 -3.31
N VAL A 325 7.49 9.63 -3.06
CA VAL A 325 7.36 10.50 -1.87
C VAL A 325 7.16 9.65 -0.63
N THR A 326 6.19 8.71 -0.70
CA THR A 326 5.94 7.78 0.37
C THR A 326 7.22 6.96 0.62
N LEU A 327 7.85 6.40 -0.42
CA LEU A 327 9.09 5.63 -0.20
C LEU A 327 10.18 6.49 0.44
N GLY A 328 10.40 7.71 -0.09
CA GLY A 328 11.44 8.64 0.47
C GLY A 328 11.21 9.02 1.94
N LEU A 329 9.97 9.38 2.26
CA LEU A 329 9.68 9.82 3.62
C LEU A 329 9.50 8.67 4.60
N ASN A 330 9.28 7.47 4.07
CA ASN A 330 9.27 6.26 4.90
C ASN A 330 10.66 5.92 5.38
N LEU A 331 11.67 6.32 4.63
CA LEU A 331 13.06 6.25 5.09
C LEU A 331 13.38 7.31 6.13
N PHE A 332 13.09 8.59 5.81
CA PHE A 332 13.34 9.73 6.68
C PHE A 332 12.76 9.54 8.09
N SER A 333 11.51 9.02 8.16
CA SER A 333 10.73 8.91 9.41
C SER A 333 11.19 7.77 10.33
N ARG A 334 12.10 6.94 9.81
CA ARG A 334 12.73 5.88 10.56
C ARG A 334 14.25 6.10 10.65
N GLY A 335 14.67 7.33 10.39
CA GLY A 335 16.05 7.76 10.58
C GLY A 335 17.01 7.47 9.45
N VAL A 336 16.48 7.19 8.25
CA VAL A 336 17.35 6.97 7.10
C VAL A 336 17.21 8.15 6.12
N ASP A 337 18.34 8.80 5.77
CA ASP A 337 18.35 9.86 4.74
C ASP A 337 17.94 9.33 3.33
N PRO A 338 16.83 9.85 2.79
CA PRO A 338 16.42 9.41 1.45
C PRO A 338 17.30 10.03 0.34
N GLN A 339 18.14 11.01 0.70
CA GLN A 339 19.01 11.71 -0.25
C GLN A 339 18.20 12.59 -1.21
N ILE A 340 17.02 12.98 -0.74
CA ILE A 340 16.08 13.77 -1.51
C ILE A 340 15.53 14.86 -0.56
N ASP A 341 15.42 16.07 -1.11
CA ASP A 341 14.86 17.22 -0.40
C ASP A 341 13.33 17.20 -0.39
N PHE A 342 12.77 16.79 0.75
CA PHE A 342 11.34 16.76 0.98
C PHE A 342 10.94 17.85 1.96
N SER A 343 11.76 18.92 2.13
CA SER A 343 11.52 19.86 3.22
C SER A 343 10.35 20.81 2.93
N ASN A 344 9.94 20.84 1.66
CA ASN A 344 8.76 21.61 1.25
C ASN A 344 7.78 20.73 0.42
N ILE A 345 6.98 19.92 1.12
CA ILE A 345 6.19 18.96 0.40
C ILE A 345 5.05 19.65 -0.37
N ASP A 346 4.62 20.78 0.19
CA ASP A 346 3.65 21.66 -0.45
C ASP A 346 4.11 22.16 -1.84
N GLU A 347 5.35 22.64 -1.92
CA GLU A 347 5.90 22.99 -3.24
C GLU A 347 5.98 21.74 -4.17
N ILE A 348 6.46 20.60 -3.66
CA ILE A 348 6.43 19.36 -4.46
C ILE A 348 4.99 19.11 -4.94
N ARG A 349 4.06 19.07 -3.99
CA ARG A 349 2.63 18.78 -4.29
C ARG A 349 2.03 19.73 -5.34
N ARG A 350 2.22 21.06 -5.16
CA ARG A 350 1.66 22.04 -6.14
C ARG A 350 2.16 21.80 -7.57
N THR A 351 3.47 21.66 -7.70
CA THR A 351 4.11 21.38 -8.98
C THR A 351 3.59 20.09 -9.63
N VAL A 352 3.48 18.99 -8.84
CA VAL A 352 2.97 17.70 -9.35
C VAL A 352 1.52 17.84 -9.90
N GLU A 353 0.63 18.44 -9.10
CA GLU A 353 -0.76 18.68 -9.48
C GLU A 353 -0.85 19.61 -10.70
N TYR A 354 0.02 20.62 -10.77
CA TYR A 354 0.15 21.49 -11.97
C TYR A 354 0.59 20.70 -13.23
N CYS A 355 1.62 19.86 -13.09
CA CYS A 355 2.18 19.05 -14.19
C CYS A 355 1.26 17.95 -14.68
N ASN A 356 0.60 17.26 -13.74
CA ASN A 356 -0.23 16.09 -14.09
C ASN A 356 -1.69 16.41 -14.33
N GLN A 357 -2.16 17.57 -13.84
CA GLN A 357 -3.56 18.00 -13.91
C GLN A 357 -4.49 16.94 -13.33
N LEU A 358 -4.05 16.42 -12.15
CA LEU A 358 -4.65 15.35 -11.32
C LEU A 358 -4.18 15.54 -9.86
N PRO A 359 -5.13 15.43 -8.89
CA PRO A 359 -4.91 15.78 -7.49
C PRO A 359 -4.13 14.73 -6.72
N VAL A 360 -3.38 15.20 -5.73
CA VAL A 360 -2.90 14.39 -4.64
C VAL A 360 -4.08 14.21 -3.67
N HIS A 361 -4.42 12.95 -3.38
CA HIS A 361 -5.56 12.63 -2.53
C HIS A 361 -5.38 13.20 -1.12
N GLU A 362 -6.49 13.59 -0.50
CA GLU A 362 -6.53 14.07 0.90
C GLU A 362 -5.76 13.17 1.86
N ARG A 363 -5.73 11.87 1.60
CA ARG A 363 -5.23 10.93 2.61
C ARG A 363 -3.92 10.36 2.11
N HIS A 364 -3.37 10.95 1.02
CA HIS A 364 -2.11 10.44 0.47
C HIS A 364 -0.98 10.56 1.55
N PRO A 365 -0.24 9.43 1.84
CA PRO A 365 0.79 9.52 2.88
C PRO A 365 1.72 10.76 2.67
N TYR A 366 2.02 11.47 3.77
CA TYR A 366 2.92 12.66 3.87
C TYR A 366 2.48 13.99 3.20
N GLY A 367 1.80 13.90 2.07
CA GLY A 367 1.41 15.07 1.27
C GLY A 367 -0.08 15.36 1.23
N GLY A 368 -0.94 14.40 1.56
CA GLY A 368 -2.38 14.67 1.50
C GLY A 368 -2.88 15.83 2.41
N ASP A 369 -3.95 16.50 1.98
CA ASP A 369 -4.56 17.64 2.73
C ASP A 369 -4.76 17.39 4.22
N LEU A 370 -5.21 16.18 4.55
CA LEU A 370 -5.67 15.84 5.90
C LEU A 370 -4.68 15.09 6.81
N VAL A 371 -3.46 14.84 6.30
CA VAL A 371 -2.51 13.91 6.97
C VAL A 371 -1.81 14.46 8.25
N TYR A 372 -1.81 15.78 8.44
CA TYR A 372 -1.38 16.37 9.74
C TYR A 372 -2.51 17.02 10.50
N THR A 373 -3.72 16.47 10.38
CA THR A 373 -4.90 16.96 11.13
C THR A 373 -5.30 15.94 12.20
N ALA A 374 -5.82 16.42 13.33
CA ALA A 374 -6.47 15.55 14.30
C ALA A 374 -7.86 16.11 14.60
N PHE A 375 -8.89 15.32 14.30
CA PHE A 375 -10.31 15.61 14.70
C PHE A 375 -10.74 15.06 16.07
N SER A 376 -10.14 13.93 16.46
CA SER A 376 -10.48 13.30 17.74
C SER A 376 -9.94 14.12 18.88
N GLY A 377 -10.83 14.42 19.82
CA GLY A 377 -10.51 15.07 21.10
C GLY A 377 -9.41 14.40 21.93
N SER A 378 -9.50 13.08 22.10
CA SER A 378 -8.50 12.32 22.83
C SER A 378 -7.11 12.44 22.18
N HIS A 379 -7.10 12.41 20.84
CA HIS A 379 -5.87 12.45 20.06
C HIS A 379 -5.27 13.84 20.19
N GLN A 380 -6.10 14.88 20.10
CA GLN A 380 -5.73 16.28 20.33
C GLN A 380 -5.11 16.53 21.69
N ASP A 381 -5.75 15.99 22.73
CA ASP A 381 -5.18 15.96 24.10
C ASP A 381 -3.81 15.30 24.14
N ALA A 382 -3.72 14.07 23.60
CA ALA A 382 -2.46 13.27 23.63
C ALA A 382 -1.31 13.98 22.90
N ILE A 383 -1.64 14.60 21.77
CA ILE A 383 -0.67 15.35 20.95
C ILE A 383 -0.13 16.55 21.73
N ASN A 384 -1.01 17.33 22.36
CA ASN A 384 -0.59 18.41 23.28
C ASN A 384 0.31 17.96 24.42
N LYS A 385 -0.03 16.85 25.08
CA LYS A 385 0.90 16.25 26.08
C LYS A 385 2.29 15.98 25.46
N GLY A 386 2.28 15.38 24.27
CA GLY A 386 3.50 15.03 23.59
C GLY A 386 4.31 16.26 23.28
N LEU A 387 3.67 17.25 22.64
CA LEU A 387 4.33 18.55 22.33
C LEU A 387 4.81 19.35 23.57
N ASP A 388 3.93 19.46 24.57
CA ASP A 388 4.34 20.12 25.85
C ASP A 388 5.53 19.42 26.55
N ALA A 389 5.53 18.09 26.56
CA ALA A 389 6.66 17.35 27.16
C ALA A 389 7.98 17.52 26.41
N MET A 390 7.92 17.59 25.08
CA MET A 390 9.13 17.87 24.29
C MET A 390 9.69 19.25 24.61
N LYS A 391 8.83 20.25 24.68
CA LYS A 391 9.22 21.61 25.05
C LYS A 391 9.88 21.64 26.42
N LEU A 392 9.27 20.96 27.39
CA LEU A 392 9.83 20.82 28.76
C LEU A 392 11.25 20.29 28.73
N ASP A 393 11.48 19.21 27.96
CA ASP A 393 12.82 18.65 27.73
C ASP A 393 13.80 19.60 27.04
N ALA A 394 13.35 20.32 26.03
CA ALA A 394 14.17 21.33 25.36
C ALA A 394 14.80 22.34 26.35
N ASP A 395 13.96 22.89 27.23
CA ASP A 395 14.38 23.76 28.33
C ASP A 395 15.33 23.06 29.33
N ALA A 396 15.00 21.86 29.80
CA ALA A 396 15.90 21.10 30.70
C ALA A 396 17.21 20.58 30.09
N ALA A 397 17.44 20.88 28.81
CA ALA A 397 18.67 20.49 28.12
C ALA A 397 19.26 21.70 27.42
N ASP A 398 18.59 22.84 27.56
CA ASP A 398 18.98 24.11 26.93
C ASP A 398 19.05 24.04 25.41
N CYS A 399 18.08 23.31 24.81
CA CYS A 399 18.10 22.95 23.40
C CYS A 399 16.96 23.52 22.59
N ASP A 400 17.12 23.45 21.28
CA ASP A 400 16.02 23.79 20.40
C ASP A 400 15.18 22.52 20.23
N VAL A 401 13.92 22.56 20.68
CA VAL A 401 12.94 21.45 20.53
C VAL A 401 12.91 20.90 19.11
N ASP A 402 13.01 21.81 18.15
CA ASP A 402 13.02 21.49 16.72
C ASP A 402 14.18 20.57 16.29
N ASP A 403 15.17 20.41 17.15
CA ASP A 403 16.32 19.54 16.88
C ASP A 403 16.24 18.23 17.65
N MET A 404 15.27 18.13 18.53
CA MET A 404 15.18 17.00 19.41
C MET A 404 14.32 15.88 18.84
N LEU A 405 14.55 14.70 19.38
CA LEU A 405 13.88 13.50 18.97
C LEU A 405 12.36 13.75 19.00
N TRP A 406 11.71 13.52 17.87
CA TRP A 406 10.26 13.74 17.77
C TRP A 406 9.49 12.70 18.57
N GLN A 407 8.76 13.14 19.60
CA GLN A 407 8.00 12.23 20.48
C GLN A 407 6.60 12.69 20.69
N VAL A 408 5.75 12.51 19.68
CA VAL A 408 4.38 13.04 19.74
C VAL A 408 3.38 11.95 19.36
N PRO A 409 2.51 11.57 20.30
CA PRO A 409 1.54 10.54 19.92
C PRO A 409 0.75 10.87 18.63
N TYR A 410 0.51 9.87 17.75
CA TYR A 410 -0.37 10.06 16.54
C TYR A 410 0.27 10.77 15.35
N LEU A 411 1.44 11.37 15.53
CA LEU A 411 2.06 12.08 14.45
C LEU A 411 3.42 11.45 14.25
N PRO A 412 3.55 10.60 13.21
CA PRO A 412 4.80 9.92 12.93
C PRO A 412 5.99 10.92 12.71
N ILE A 413 5.74 12.07 12.10
CA ILE A 413 6.75 13.10 11.89
C ILE A 413 6.23 14.49 12.33
N ASP A 414 7.19 15.37 12.64
CA ASP A 414 6.93 16.78 12.86
C ASP A 414 6.51 17.35 11.49
N PRO A 415 5.26 17.88 11.38
CA PRO A 415 4.80 18.40 10.09
C PRO A 415 5.76 19.50 9.55
N ARG A 416 6.44 20.19 10.45
CA ARG A 416 7.36 21.28 10.07
C ARG A 416 8.61 20.77 9.35
N ASP A 417 8.96 19.49 9.52
CA ASP A 417 10.12 18.92 8.77
C ASP A 417 9.87 18.76 7.26
N VAL A 418 8.59 18.80 6.85
CA VAL A 418 8.18 18.85 5.43
C VAL A 418 7.54 20.20 5.07
N GLY A 419 7.64 21.17 5.96
CA GLY A 419 7.10 22.52 5.75
C GLY A 419 5.60 22.60 5.94
N ARG A 420 5.03 21.62 6.66
CA ARG A 420 3.57 21.54 6.85
C ARG A 420 3.27 21.95 8.31
N THR A 421 2.00 22.00 8.70
CA THR A 421 1.60 22.32 10.07
C THR A 421 0.55 21.33 10.60
N TYR A 422 0.66 21.05 11.91
CA TYR A 422 -0.35 20.29 12.61
C TYR A 422 -1.63 21.14 12.76
N GLU A 423 -2.79 20.54 12.51
CA GLU A 423 -4.04 21.24 12.70
C GLU A 423 -4.97 20.41 13.58
N ALA A 424 -5.33 20.99 14.73
CA ALA A 424 -6.33 20.45 15.62
C ALA A 424 -7.67 21.00 15.15
N VAL A 425 -8.57 20.11 14.72
CA VAL A 425 -9.86 20.54 14.11
C VAL A 425 -11.08 20.12 14.91
N THR B 18 11.91 27.26 -0.80
CA THR B 18 12.08 26.59 -2.12
C THR B 18 12.70 25.19 -1.88
N ILE B 19 13.12 24.52 -2.95
CA ILE B 19 13.67 23.16 -2.85
C ILE B 19 15.06 23.24 -3.41
N VAL B 20 16.08 22.85 -2.62
CA VAL B 20 17.49 22.83 -3.12
C VAL B 20 18.09 21.41 -3.17
N LYS B 21 18.71 21.11 -4.30
CA LYS B 21 19.43 19.88 -4.56
C LYS B 21 20.32 19.51 -3.33
N PRO B 22 20.05 18.35 -2.68
CA PRO B 22 21.01 17.82 -1.69
C PRO B 22 22.47 17.86 -2.23
N ALA B 23 23.37 18.35 -1.39
CA ALA B 23 24.80 18.44 -1.71
C ALA B 23 25.73 17.90 -0.63
N GLY B 24 25.21 17.15 0.33
CA GLY B 24 26.08 16.55 1.37
C GLY B 24 26.86 15.40 0.80
N PRO B 25 27.81 14.83 1.56
CA PRO B 25 28.59 13.71 1.01
C PRO B 25 27.75 12.45 0.74
N PRO B 26 28.25 11.58 -0.16
CA PRO B 26 27.59 10.26 -0.31
C PRO B 26 27.86 9.42 0.96
N ARG B 27 27.15 8.30 1.10
CA ARG B 27 27.41 7.37 2.19
C ARG B 27 28.75 6.66 1.98
N VAL B 28 29.36 6.27 3.09
CA VAL B 28 30.49 5.35 3.06
C VAL B 28 30.04 4.07 2.34
N GLY B 29 30.77 3.62 1.32
CA GLY B 29 30.35 2.44 0.56
C GLY B 29 29.43 2.71 -0.64
N GLN B 30 28.92 3.95 -0.76
CA GLN B 30 28.03 4.26 -1.87
C GLN B 30 28.85 4.09 -3.18
N PRO B 31 28.35 3.28 -4.12
CA PRO B 31 28.98 3.01 -5.38
C PRO B 31 29.05 4.28 -6.23
N SER B 32 30.11 4.38 -7.02
CA SER B 32 30.36 5.59 -7.77
C SER B 32 29.33 5.83 -8.89
N TRP B 33 28.60 4.78 -9.29
CA TRP B 33 27.51 4.96 -10.26
C TRP B 33 26.26 5.64 -9.64
N ASN B 34 26.30 5.87 -8.33
CA ASN B 34 25.17 6.50 -7.67
C ASN B 34 25.56 7.92 -7.21
N PRO B 35 25.15 8.97 -7.96
CA PRO B 35 25.54 10.34 -7.71
C PRO B 35 24.72 11.07 -6.61
N GLN B 36 23.81 10.35 -5.95
CA GLN B 36 22.96 10.90 -4.89
C GLN B 36 23.81 11.45 -3.72
N ARG B 37 23.30 12.50 -3.09
CA ARG B 37 24.04 13.18 -1.99
C ARG B 37 23.14 13.29 -0.74
N ALA B 38 23.72 13.53 0.42
CA ALA B 38 22.96 13.65 1.65
C ALA B 38 22.16 14.95 1.63
N SER B 39 20.91 14.82 2.04
CA SER B 39 19.99 15.93 2.16
C SER B 39 20.21 16.54 3.54
N SER B 40 19.63 17.71 3.77
CA SER B 40 19.57 18.23 5.12
C SER B 40 18.30 17.89 5.90
N MET B 41 17.55 16.86 5.47
CA MET B 41 16.44 16.34 6.27
C MET B 41 16.94 15.93 7.68
N PRO B 42 16.24 16.38 8.73
CA PRO B 42 16.73 16.10 10.10
C PRO B 42 16.43 14.68 10.58
N VAL B 43 17.08 13.71 9.93
CA VAL B 43 16.92 12.30 10.20
C VAL B 43 17.29 11.90 11.63
N ASN B 44 18.20 12.65 12.27
CA ASN B 44 18.54 12.47 13.68
C ASN B 44 17.37 12.53 14.65
N ARG B 45 16.29 13.18 14.23
CA ARG B 45 15.05 13.30 15.02
C ARG B 45 14.16 12.02 15.04
N TYR B 46 14.59 11.00 14.29
CA TYR B 46 13.79 9.81 14.04
C TYR B 46 14.73 8.63 14.18
N ARG B 47 14.24 7.57 14.82
CA ARG B 47 15.03 6.38 15.11
C ARG B 47 14.44 5.22 14.34
N PRO B 48 15.30 4.25 13.96
CA PRO B 48 14.79 2.97 13.44
C PRO B 48 13.77 2.38 14.45
N PHE B 49 12.81 1.62 13.91
CA PHE B 49 11.70 1.05 14.69
C PHE B 49 12.14 0.19 15.88
N ALA B 50 13.21 -0.60 15.67
CA ALA B 50 13.81 -1.42 16.72
C ALA B 50 14.21 -0.62 17.98
N GLU B 51 14.68 0.59 17.77
CA GLU B 51 15.15 1.47 18.82
C GLU B 51 14.00 2.28 19.39
N GLU B 52 13.03 2.65 18.56
CA GLU B 52 11.90 3.43 19.02
C GLU B 52 10.99 2.54 19.92
N VAL B 53 10.85 1.26 19.57
CA VAL B 53 10.01 0.31 20.32
C VAL B 53 10.86 -0.86 20.77
N GLU B 54 11.04 -1.87 19.92
CA GLU B 54 11.84 -3.01 20.32
C GLU B 54 12.22 -3.73 19.05
N PRO B 55 13.22 -4.64 19.11
CA PRO B 55 13.47 -5.47 17.95
C PRO B 55 12.37 -6.56 17.82
N ILE B 56 12.22 -7.14 16.62
CA ILE B 56 11.40 -8.35 16.34
C ILE B 56 11.56 -9.50 17.32
N ARG B 57 10.44 -9.97 17.85
CA ARG B 57 10.48 -11.10 18.80
C ARG B 57 10.36 -12.50 18.13
N LEU B 58 9.88 -12.54 16.89
CA LEU B 58 9.45 -13.78 16.19
C LEU B 58 10.56 -14.64 15.61
N ARG B 59 10.53 -15.92 15.97
CA ARG B 59 11.43 -16.94 15.49
C ARG B 59 10.61 -17.87 14.64
N ASN B 60 11.22 -18.33 13.54
CA ASN B 60 10.64 -19.31 12.62
C ASN B 60 9.29 -18.92 12.08
N ARG B 61 9.21 -17.70 11.54
CA ARG B 61 7.96 -17.16 11.00
C ARG B 61 7.38 -18.07 9.94
N THR B 62 6.06 -18.16 9.90
CA THR B 62 5.42 -19.01 8.90
C THR B 62 4.57 -18.21 7.90
N TRP B 63 4.16 -17.00 8.27
CA TRP B 63 3.36 -16.17 7.35
C TRP B 63 3.89 -16.04 5.89
N PRO B 64 5.25 -15.91 5.69
CA PRO B 64 5.77 -15.80 4.33
C PRO B 64 5.46 -16.99 3.41
N ASP B 65 5.08 -18.13 4.02
CA ASP B 65 4.79 -19.35 3.31
C ASP B 65 3.28 -19.73 3.29
N ARG B 66 2.38 -18.88 3.75
CA ARG B 66 0.94 -19.18 3.65
C ARG B 66 0.19 -18.25 2.69
N VAL B 67 -0.50 -18.81 1.72
CA VAL B 67 -1.32 -18.04 0.82
C VAL B 67 -2.75 -18.06 1.37
N ILE B 68 -3.36 -16.87 1.45
CA ILE B 68 -4.76 -16.73 1.86
C ILE B 68 -5.68 -17.61 0.98
N ASP B 69 -6.47 -18.46 1.63
CA ASP B 69 -7.48 -19.24 0.89
C ASP B 69 -8.93 -19.14 1.39
N ARG B 70 -9.21 -18.15 2.22
CA ARG B 70 -10.59 -17.85 2.63
C ARG B 70 -10.71 -16.41 3.09
N ALA B 71 -11.94 -15.90 3.12
CA ALA B 71 -12.19 -14.51 3.57
C ALA B 71 -12.03 -14.42 5.10
N PRO B 72 -11.50 -13.29 5.58
CA PRO B 72 -11.56 -13.06 7.01
C PRO B 72 -12.98 -12.66 7.38
N LEU B 73 -13.26 -12.65 8.68
CA LEU B 73 -14.39 -11.91 9.20
C LEU B 73 -14.08 -10.44 9.00
N TRP B 74 -14.95 -9.82 8.24
CA TRP B 74 -14.85 -8.40 8.07
C TRP B 74 -15.62 -7.65 9.17
N CYS B 75 -15.03 -6.54 9.64
CA CYS B 75 -15.77 -5.53 10.43
C CYS B 75 -15.61 -4.16 9.77
N ALA B 76 -16.74 -3.56 9.41
CA ALA B 76 -16.74 -2.18 8.83
C ALA B 76 -16.91 -1.06 9.88
N VAL B 77 -15.93 -0.16 9.95
CA VAL B 77 -15.85 0.90 10.97
C VAL B 77 -16.15 2.30 10.37
N ASP B 78 -16.74 2.28 9.17
CA ASP B 78 -17.08 3.52 8.44
C ASP B 78 -17.95 4.53 9.18
N LEU B 79 -18.87 4.02 10.00
CA LEU B 79 -19.87 4.84 10.63
C LEU B 79 -19.37 5.60 11.86
N ARG B 80 -18.25 5.18 12.41
CA ARG B 80 -17.67 5.86 13.60
C ARG B 80 -16.21 6.25 13.33
N ASP B 81 -15.33 5.26 13.24
CA ASP B 81 -13.92 5.49 12.91
C ASP B 81 -13.73 6.29 11.61
N GLY B 82 -14.60 6.00 10.61
CA GLY B 82 -14.62 6.74 9.35
C GLY B 82 -15.22 8.13 9.53
N ASN B 83 -16.43 8.16 10.07
CA ASN B 83 -17.12 9.41 10.30
C ASN B 83 -16.28 10.44 11.08
N GLN B 84 -15.52 9.96 12.08
CA GLN B 84 -14.58 10.76 12.87
C GLN B 84 -13.55 11.51 12.03
N ALA B 85 -13.18 10.94 10.89
CA ALA B 85 -12.18 11.56 9.98
C ALA B 85 -12.73 12.63 9.05
N LEU B 86 -14.04 12.85 9.07
CA LEU B 86 -14.66 13.66 8.00
C LEU B 86 -14.61 15.15 8.28
N ILE B 87 -14.34 15.92 7.23
CA ILE B 87 -14.48 17.37 7.26
C ILE B 87 -15.94 17.77 7.53
N ASP B 88 -16.85 17.10 6.82
CA ASP B 88 -18.27 17.25 7.00
C ASP B 88 -18.86 15.94 7.53
N PRO B 89 -19.18 15.91 8.85
CA PRO B 89 -19.77 14.82 9.59
C PRO B 89 -21.03 14.28 8.86
N MET B 90 -21.23 12.96 8.90
CA MET B 90 -22.45 12.38 8.34
C MET B 90 -23.63 12.88 9.12
N SER B 91 -24.64 13.37 8.40
CA SER B 91 -25.98 13.68 8.93
C SER B 91 -26.66 12.36 9.25
N PRO B 92 -27.79 12.37 10.02
CA PRO B 92 -28.53 11.10 10.18
C PRO B 92 -28.88 10.39 8.85
N ALA B 93 -29.26 11.14 7.79
CA ALA B 93 -29.61 10.48 6.52
C ALA B 93 -28.41 9.78 5.87
N ARG B 94 -27.24 10.41 5.96
CA ARG B 94 -26.05 9.85 5.34
C ARG B 94 -25.58 8.62 6.12
N LYS B 95 -25.69 8.67 7.45
CA LYS B 95 -25.36 7.53 8.23
C LYS B 95 -26.28 6.36 7.87
N ARG B 96 -27.59 6.60 7.74
CA ARG B 96 -28.48 5.47 7.39
C ARG B 96 -28.10 4.92 6.03
N ARG B 97 -27.77 5.80 5.10
CA ARG B 97 -27.37 5.33 3.78
C ARG B 97 -26.14 4.40 3.83
N MET B 98 -25.11 4.81 4.56
CA MET B 98 -23.92 4.04 4.76
C MET B 98 -24.25 2.72 5.45
N PHE B 99 -24.99 2.78 6.56
CA PHE B 99 -25.42 1.52 7.21
C PHE B 99 -26.16 0.56 6.23
N ASP B 100 -27.06 1.10 5.43
CA ASP B 100 -27.77 0.34 4.43
C ASP B 100 -26.83 -0.32 3.42
N LEU B 101 -25.82 0.42 2.94
CA LEU B 101 -24.85 -0.15 2.01
C LEU B 101 -24.08 -1.33 2.59
N LEU B 102 -23.50 -1.12 3.79
CA LEU B 102 -22.72 -2.13 4.48
C LEU B 102 -23.52 -3.41 4.71
N VAL B 103 -24.76 -3.25 5.22
CA VAL B 103 -25.68 -4.40 5.25
C VAL B 103 -25.90 -5.11 3.90
N ARG B 104 -26.23 -4.35 2.85
CA ARG B 104 -26.52 -4.95 1.53
C ARG B 104 -25.29 -5.63 0.89
N MET B 105 -24.11 -5.11 1.18
CA MET B 105 -22.88 -5.65 0.65
C MET B 105 -22.54 -6.99 1.30
N GLY B 106 -23.04 -7.23 2.52
CA GLY B 106 -22.76 -8.51 3.20
C GLY B 106 -22.01 -8.45 4.53
N TYR B 107 -21.70 -7.22 5.01
CA TYR B 107 -20.96 -7.05 6.30
C TYR B 107 -21.81 -7.46 7.51
N LYS B 108 -21.20 -8.19 8.44
CA LYS B 108 -21.95 -8.74 9.59
C LYS B 108 -21.58 -8.07 10.91
N GLU B 109 -20.46 -7.35 10.94
CA GLU B 109 -20.13 -6.57 12.13
C GLU B 109 -19.89 -5.18 11.63
N ILE B 110 -20.60 -4.25 12.25
CA ILE B 110 -20.64 -2.87 11.80
C ILE B 110 -20.52 -1.99 13.03
N GLU B 111 -19.42 -1.25 13.11
CA GLU B 111 -19.26 -0.24 14.13
C GLU B 111 -20.26 0.91 13.90
N VAL B 112 -20.99 1.27 14.94
CA VAL B 112 -22.05 2.26 14.81
C VAL B 112 -21.85 3.50 15.66
N GLY B 113 -20.84 3.53 16.52
CA GLY B 113 -20.61 4.78 17.29
C GLY B 113 -19.79 4.71 18.55
N PHE B 114 -19.63 5.90 19.16
CA PHE B 114 -18.87 6.15 20.37
C PHE B 114 -19.87 6.89 21.28
N PRO B 115 -20.97 6.20 21.68
CA PRO B 115 -22.17 6.91 22.20
C PRO B 115 -21.96 7.71 23.50
N SER B 116 -20.94 7.35 24.28
CA SER B 116 -20.58 8.09 25.52
C SER B 116 -19.74 9.37 25.30
N ALA B 117 -19.34 9.63 24.07
CA ALA B 117 -18.55 10.80 23.80
C ALA B 117 -19.25 11.70 22.80
N SER B 118 -20.32 11.17 22.19
CA SER B 118 -20.96 11.83 21.07
C SER B 118 -22.45 11.63 21.16
N GLN B 119 -23.14 12.70 21.52
CA GLN B 119 -24.58 12.64 21.58
C GLN B 119 -25.19 12.25 20.23
N THR B 120 -24.63 12.73 19.12
CA THR B 120 -25.20 12.32 17.79
C THR B 120 -24.96 10.84 17.43
N ASP B 121 -23.83 10.27 17.86
CA ASP B 121 -23.66 8.79 17.90
C ASP B 121 -24.72 8.12 18.77
N PHE B 122 -24.96 8.64 19.98
CA PHE B 122 -25.91 8.02 20.91
C PHE B 122 -27.28 7.95 20.18
N ASP B 123 -27.61 9.07 19.52
CA ASP B 123 -28.90 9.22 18.82
C ASP B 123 -29.04 8.21 17.67
N PHE B 124 -28.00 8.05 16.89
CA PHE B 124 -27.99 7.05 15.82
C PHE B 124 -28.16 5.59 16.37
N VAL B 125 -27.47 5.27 17.47
CA VAL B 125 -27.55 3.90 18.02
C VAL B 125 -28.98 3.62 18.52
N ARG B 126 -29.61 4.60 19.18
CA ARG B 126 -31.00 4.49 19.65
C ARG B 126 -31.96 4.32 18.47
N GLU B 127 -31.69 5.06 17.41
CA GLU B 127 -32.53 5.02 16.22
C GLU B 127 -32.57 3.65 15.57
N ILE B 128 -31.39 3.07 15.33
CA ILE B 128 -31.36 1.77 14.68
C ILE B 128 -32.02 0.68 15.56
N ILE B 129 -31.89 0.78 16.88
CA ILE B 129 -32.43 -0.26 17.80
C ILE B 129 -33.95 -0.10 17.97
N GLU B 130 -34.39 1.13 18.19
CA GLU B 130 -35.83 1.44 18.38
C GLU B 130 -36.66 1.23 17.14
N GLN B 131 -36.09 1.51 15.98
CA GLN B 131 -36.80 1.38 14.72
C GLN B 131 -36.62 -0.01 14.05
N GLY B 132 -35.81 -0.86 14.66
CA GLY B 132 -35.64 -2.22 14.13
C GLY B 132 -34.89 -2.29 12.82
N ALA B 133 -33.81 -1.50 12.73
CA ALA B 133 -32.95 -1.44 11.56
C ALA B 133 -31.92 -2.55 11.50
N ILE B 134 -31.66 -3.22 12.60
CA ILE B 134 -30.57 -4.20 12.66
C ILE B 134 -30.98 -5.57 12.13
N PRO B 135 -30.40 -6.00 10.98
CA PRO B 135 -30.64 -7.33 10.44
C PRO B 135 -30.29 -8.43 11.43
N ASP B 136 -30.92 -9.57 11.27
CA ASP B 136 -30.82 -10.68 12.22
C ASP B 136 -29.46 -11.39 12.30
N ASP B 137 -28.62 -11.24 11.27
CA ASP B 137 -27.21 -11.74 11.25
C ASP B 137 -26.13 -10.69 11.45
N VAL B 138 -26.53 -9.50 11.87
CA VAL B 138 -25.62 -8.39 12.07
C VAL B 138 -25.42 -8.11 13.57
N THR B 139 -24.16 -7.88 13.95
CA THR B 139 -23.80 -7.40 15.26
C THR B 139 -23.21 -6.01 15.15
N ILE B 140 -23.93 -5.04 15.72
CA ILE B 140 -23.44 -3.68 15.95
C ILE B 140 -22.24 -3.61 16.92
N GLN B 141 -21.29 -2.74 16.61
CA GLN B 141 -20.09 -2.52 17.46
C GLN B 141 -20.08 -1.13 18.04
N VAL B 142 -19.92 -0.99 19.36
CA VAL B 142 -19.76 0.35 19.94
C VAL B 142 -18.39 0.55 20.61
N LEU B 143 -17.81 1.73 20.44
CA LEU B 143 -16.55 2.04 21.09
C LEU B 143 -16.73 2.76 22.45
N THR B 144 -15.91 2.40 23.42
CA THR B 144 -15.85 3.11 24.74
C THR B 144 -14.46 3.16 25.35
N GLN B 145 -14.18 4.22 26.10
CA GLN B 145 -12.97 4.25 26.91
C GLN B 145 -13.27 3.56 28.22
N CYS B 146 -12.23 3.33 29.02
CA CYS B 146 -12.41 2.49 30.23
C CYS B 146 -12.96 3.16 31.53
N ARG B 147 -13.18 4.48 31.53
CA ARG B 147 -13.88 5.14 32.66
C ARG B 147 -15.24 4.45 32.88
N PRO B 148 -15.58 4.15 34.15
CA PRO B 148 -16.80 3.41 34.49
C PRO B 148 -18.08 4.10 33.98
N GLU B 149 -18.11 5.42 34.07
CA GLU B 149 -19.33 6.13 33.69
C GLU B 149 -19.51 6.15 32.17
N LEU B 150 -18.40 6.02 31.44
CA LEU B 150 -18.42 5.97 29.99
C LEU B 150 -18.93 4.62 29.57
N ILE B 151 -18.47 3.58 30.29
CA ILE B 151 -18.90 2.23 30.05
C ILE B 151 -20.38 2.07 30.35
N GLU B 152 -20.87 2.70 31.43
CA GLU B 152 -22.30 2.63 31.76
C GLU B 152 -23.18 3.23 30.67
N ARG B 153 -22.84 4.44 30.26
CA ARG B 153 -23.50 5.15 29.17
C ARG B 153 -23.51 4.40 27.82
N THR B 154 -22.46 3.59 27.63
CA THR B 154 -22.30 2.73 26.45
C THR B 154 -23.32 1.60 26.44
N PHE B 155 -23.46 0.89 27.57
CA PHE B 155 -24.52 -0.14 27.68
C PHE B 155 -25.96 0.43 27.58
N GLN B 156 -26.18 1.59 28.19
CA GLN B 156 -27.47 2.29 28.07
C GLN B 156 -27.79 2.62 26.62
N ALA B 157 -26.81 3.16 25.88
CA ALA B 157 -26.96 3.35 24.40
C ALA B 157 -27.46 2.11 23.63
N CYS B 158 -26.95 0.93 24.01
CA CYS B 158 -27.27 -0.34 23.34
C CYS B 158 -28.45 -1.10 23.96
N SER B 159 -29.13 -0.46 24.89
CA SER B 159 -30.24 -1.15 25.58
C SER B 159 -31.32 -1.54 24.57
N GLY B 160 -31.69 -2.81 24.50
CA GLY B 160 -32.75 -3.22 23.55
C GLY B 160 -32.18 -3.96 22.34
N ALA B 161 -30.87 -3.75 22.09
CA ALA B 161 -30.16 -4.46 21.02
C ALA B 161 -30.24 -5.95 21.22
N PRO B 162 -30.43 -6.70 20.11
CA PRO B 162 -30.40 -8.16 20.18
C PRO B 162 -29.01 -8.72 20.53
N ARG B 163 -27.94 -8.08 20.02
CA ARG B 163 -26.56 -8.55 20.21
C ARG B 163 -25.69 -7.31 20.03
N ALA B 164 -24.52 -7.28 20.67
CA ALA B 164 -23.61 -6.13 20.46
C ALA B 164 -22.24 -6.46 20.93
N ILE B 165 -21.27 -5.96 20.19
CA ILE B 165 -19.89 -5.90 20.64
C ILE B 165 -19.64 -4.57 21.36
N VAL B 166 -19.30 -4.68 22.65
CA VAL B 166 -18.75 -3.53 23.38
C VAL B 166 -17.23 -3.55 23.18
N HIS B 167 -16.70 -2.54 22.49
CA HIS B 167 -15.23 -2.44 22.29
C HIS B 167 -14.62 -1.38 23.24
N PHE B 168 -13.89 -1.82 24.26
CA PHE B 168 -13.22 -0.91 25.18
C PHE B 168 -11.75 -0.99 24.91
N TYR B 169 -11.07 0.12 25.14
CA TYR B 169 -9.65 0.18 24.78
C TYR B 169 -8.92 1.15 25.72
N ASN B 170 -7.61 0.97 25.85
CA ASN B 170 -6.75 2.03 26.42
C ASN B 170 -5.38 1.94 25.74
N SER B 171 -4.72 3.08 25.65
CA SER B 171 -3.43 3.19 25.01
C SER B 171 -2.31 2.59 25.85
N THR B 172 -1.52 1.72 25.21
CA THR B 172 -0.50 0.93 25.89
C THR B 172 0.94 1.26 25.45
N SER B 173 1.11 2.23 24.55
CA SER B 173 2.42 2.39 23.93
C SER B 173 3.42 2.91 24.94
N ILE B 174 4.68 2.55 24.75
CA ILE B 174 5.77 3.17 25.52
C ILE B 174 5.62 4.70 25.59
N LEU B 175 5.48 5.34 24.44
CA LEU B 175 5.24 6.80 24.39
C LEU B 175 4.06 7.29 25.26
N GLN B 176 2.87 6.78 25.03
CA GLN B 176 1.73 7.23 25.83
C GLN B 176 1.79 6.90 27.36
N ARG B 177 2.32 5.75 27.73
CA ARG B 177 2.59 5.49 29.13
C ARG B 177 3.41 6.67 29.75
N ARG B 178 4.49 7.09 29.06
CA ARG B 178 5.34 8.13 29.60
C ARG B 178 4.66 9.52 29.60
N VAL B 179 4.24 9.98 28.42
CA VAL B 179 3.87 11.39 28.27
C VAL B 179 2.37 11.63 28.47
N VAL B 180 1.55 10.59 28.30
CA VAL B 180 0.09 10.77 28.36
C VAL B 180 -0.38 10.37 29.78
N PHE B 181 -0.02 9.17 30.22
CA PHE B 181 -0.54 8.64 31.49
C PHE B 181 0.41 8.83 32.69
N ARG B 182 1.68 9.11 32.42
CA ARG B 182 2.71 9.24 33.47
C ARG B 182 2.56 8.07 34.48
N ALA B 183 2.52 6.86 33.92
CA ALA B 183 2.20 5.65 34.65
C ALA B 183 3.03 4.49 34.16
N ASN B 184 3.08 3.48 35.01
CA ASN B 184 3.85 2.28 34.77
C ASN B 184 2.98 1.21 34.13
N ARG B 185 3.63 0.08 33.82
CA ARG B 185 2.99 -1.02 33.17
C ARG B 185 1.80 -1.59 33.95
N ALA B 186 1.97 -1.82 35.26
CA ALA B 186 0.92 -2.41 36.12
C ALA B 186 -0.31 -1.53 36.12
N GLU B 187 -0.07 -0.25 36.36
CA GLU B 187 -1.13 0.75 36.37
C GLU B 187 -1.94 0.85 35.04
N VAL B 188 -1.25 0.91 33.91
CA VAL B 188 -1.91 0.94 32.60
C VAL B 188 -2.68 -0.39 32.33
N GLN B 189 -2.11 -1.51 32.78
CA GLN B 189 -2.83 -2.78 32.66
C GLN B 189 -4.10 -2.78 33.50
N ALA B 190 -4.02 -2.29 34.77
CA ALA B 190 -5.19 -2.12 35.65
C ALA B 190 -6.31 -1.26 35.05
N ILE B 191 -5.96 -0.24 34.26
CA ILE B 191 -7.01 0.51 33.49
C ILE B 191 -7.83 -0.43 32.60
N ALA B 192 -7.14 -1.25 31.82
CA ALA B 192 -7.77 -2.26 30.98
C ALA B 192 -8.57 -3.32 31.74
N THR B 193 -7.98 -3.86 32.80
CA THR B 193 -8.69 -4.86 33.60
C THR B 193 -9.84 -4.29 34.41
N ASP B 194 -9.70 -3.07 34.92
CA ASP B 194 -10.84 -2.45 35.62
C ASP B 194 -11.95 -2.19 34.62
N GLY B 195 -11.58 -1.77 33.41
CA GLY B 195 -12.51 -1.74 32.24
C GLY B 195 -13.26 -3.04 31.98
N ALA B 196 -12.52 -4.16 31.94
CA ALA B 196 -13.11 -5.48 31.71
C ALA B 196 -14.15 -5.86 32.79
N ARG B 197 -13.79 -5.64 34.06
CA ARG B 197 -14.64 -5.93 35.22
C ARG B 197 -15.95 -5.18 35.15
N LYS B 198 -15.85 -3.90 34.83
CA LYS B 198 -17.00 -3.03 34.63
C LYS B 198 -17.90 -3.53 33.51
N CYS B 199 -17.32 -3.96 32.37
CA CYS B 199 -18.13 -4.51 31.27
C CYS B 199 -18.91 -5.77 31.71
N VAL B 200 -18.24 -6.65 32.44
CA VAL B 200 -18.85 -7.85 33.08
C VAL B 200 -19.99 -7.47 34.05
N GLU B 201 -19.75 -6.50 34.93
CA GLU B 201 -20.84 -5.98 35.79
C GLU B 201 -22.02 -5.45 34.97
N GLN B 202 -21.74 -4.61 33.99
CA GLN B 202 -22.79 -4.04 33.13
C GLN B 202 -23.63 -5.05 32.33
N ALA B 203 -22.98 -6.11 31.80
CA ALA B 203 -23.66 -7.11 31.00
C ALA B 203 -24.60 -7.96 31.86
N ALA B 204 -24.18 -8.24 33.11
CA ALA B 204 -25.06 -8.88 34.08
C ALA B 204 -26.27 -7.99 34.42
N LYS B 205 -26.12 -6.66 34.30
CA LYS B 205 -27.26 -5.76 34.52
C LYS B 205 -28.25 -5.69 33.32
N TYR B 206 -27.83 -6.14 32.15
CA TYR B 206 -28.69 -6.09 30.94
C TYR B 206 -28.93 -7.44 30.27
N PRO B 207 -29.80 -8.27 30.89
CA PRO B 207 -30.12 -9.58 30.31
C PRO B 207 -30.85 -9.42 28.93
N GLY B 208 -30.90 -10.47 28.14
CA GLY B 208 -31.61 -10.34 26.86
C GLY B 208 -30.65 -10.03 25.72
N THR B 209 -29.92 -8.92 25.82
CA THR B 209 -28.87 -8.60 24.83
C THR B 209 -27.72 -9.62 24.89
N GLN B 210 -27.35 -10.18 23.74
CA GLN B 210 -26.15 -11.00 23.64
C GLN B 210 -24.87 -10.13 23.58
N TRP B 211 -24.29 -9.84 24.75
CA TRP B 211 -23.10 -8.99 24.89
C TRP B 211 -21.84 -9.75 24.48
N ARG B 212 -21.04 -9.14 23.60
CA ARG B 212 -19.73 -9.66 23.26
C ARG B 212 -18.67 -8.59 23.51
N PHE B 213 -17.41 -9.00 23.72
CA PHE B 213 -16.37 -8.03 23.99
C PHE B 213 -15.23 -8.00 23.01
N GLU B 214 -14.66 -6.82 22.90
CA GLU B 214 -13.48 -6.55 22.11
C GLU B 214 -12.61 -5.62 22.96
N TYR B 215 -11.31 -5.92 23.02
CA TYR B 215 -10.31 -5.15 23.71
C TYR B 215 -9.19 -4.77 22.73
N SER B 216 -8.82 -3.51 22.71
CA SER B 216 -7.63 -3.11 21.95
C SER B 216 -6.61 -2.48 22.91
N PRO B 217 -5.36 -2.99 22.89
CA PRO B 217 -4.21 -2.22 23.39
C PRO B 217 -3.92 -1.14 22.33
N GLU B 218 -4.51 0.03 22.53
CA GLU B 218 -4.48 1.07 21.55
C GLU B 218 -2.99 1.50 21.42
N SER B 219 -2.57 1.84 20.19
CA SER B 219 -1.13 2.12 19.88
C SER B 219 -0.24 0.87 20.14
N TYR B 220 -0.75 -0.28 19.74
CA TYR B 220 -0.12 -1.61 19.85
C TYR B 220 1.23 -1.69 19.15
N THR B 221 1.34 -0.98 18.02
CA THR B 221 2.56 -0.96 17.22
C THR B 221 3.68 -0.16 17.92
N GLY B 222 3.30 0.71 18.87
CA GLY B 222 4.27 1.38 19.72
C GLY B 222 4.44 0.72 21.09
N THR B 223 3.92 -0.51 21.24
CA THR B 223 3.92 -1.23 22.49
C THR B 223 4.78 -2.48 22.37
N GLU B 224 5.50 -2.79 23.45
CA GLU B 224 6.29 -4.02 23.52
C GLU B 224 5.35 -5.20 23.49
N LEU B 225 5.71 -6.19 22.69
CA LEU B 225 4.88 -7.37 22.54
C LEU B 225 4.63 -8.12 23.85
N GLU B 226 5.68 -8.31 24.67
CA GLU B 226 5.50 -9.05 25.94
C GLU B 226 4.40 -8.37 26.76
N TYR B 227 4.41 -7.05 26.74
CA TYR B 227 3.42 -6.22 27.47
C TYR B 227 2.02 -6.24 26.81
N ALA B 228 1.94 -6.21 25.48
CA ALA B 228 0.65 -6.36 24.80
C ALA B 228 -0.04 -7.74 25.14
N LYS B 229 0.73 -8.85 25.05
CA LYS B 229 0.26 -10.17 25.50
C LYS B 229 -0.20 -10.16 26.98
N GLN B 230 0.59 -9.60 27.89
CA GLN B 230 0.22 -9.51 29.32
C GLN B 230 -1.12 -8.80 29.56
N VAL B 231 -1.33 -7.67 28.88
CA VAL B 231 -2.55 -6.88 29.10
C VAL B 231 -3.75 -7.65 28.57
N CYS B 232 -3.63 -8.17 27.34
CA CYS B 232 -4.70 -8.94 26.66
C CYS B 232 -5.04 -10.13 27.50
N ASP B 233 -4.02 -10.90 27.86
CA ASP B 233 -4.17 -12.05 28.78
C ASP B 233 -4.95 -11.73 30.08
N ALA B 234 -4.59 -10.62 30.72
CA ALA B 234 -5.24 -10.15 31.97
C ALA B 234 -6.70 -9.80 31.70
N VAL B 235 -6.94 -9.10 30.61
CA VAL B 235 -8.31 -8.71 30.23
C VAL B 235 -9.11 -9.99 30.01
N GLY B 236 -8.51 -10.93 29.29
CA GLY B 236 -9.08 -12.21 28.96
C GLY B 236 -9.50 -12.98 30.21
N GLU B 237 -8.60 -13.02 31.20
CA GLU B 237 -8.89 -13.57 32.55
C GLU B 237 -10.20 -13.05 33.18
N VAL B 238 -10.45 -11.74 33.08
CA VAL B 238 -11.67 -11.13 33.62
C VAL B 238 -12.91 -11.56 32.84
N ILE B 239 -12.87 -11.44 31.49
CA ILE B 239 -14.02 -11.67 30.60
C ILE B 239 -14.44 -13.15 30.60
N ALA B 240 -13.44 -14.03 30.76
CA ALA B 240 -13.53 -15.51 30.73
C ALA B 240 -14.15 -16.02 29.42
N PRO B 241 -13.50 -15.71 28.27
CA PRO B 241 -14.06 -16.22 27.00
C PRO B 241 -13.95 -17.75 26.83
N THR B 242 -14.85 -18.31 26.04
CA THR B 242 -14.82 -19.68 25.65
C THR B 242 -14.90 -19.76 24.13
N PRO B 243 -14.56 -20.92 23.53
CA PRO B 243 -14.81 -21.13 22.09
C PRO B 243 -16.25 -20.80 21.61
N GLU B 244 -17.25 -21.08 22.44
CA GLU B 244 -18.63 -20.68 22.16
C GLU B 244 -18.94 -19.17 22.36
N ARG B 245 -18.21 -18.51 23.27
CA ARG B 245 -18.35 -17.08 23.55
C ARG B 245 -16.95 -16.36 23.50
N PRO B 246 -16.33 -16.23 22.29
CA PRO B 246 -14.96 -15.66 22.27
C PRO B 246 -14.85 -14.14 22.54
N ILE B 247 -13.65 -13.69 22.88
CA ILE B 247 -13.32 -12.31 22.98
C ILE B 247 -12.59 -11.91 21.66
N ILE B 248 -12.77 -10.64 21.24
CA ILE B 248 -11.95 -10.08 20.19
C ILE B 248 -10.79 -9.34 20.87
N PHE B 249 -9.56 -9.73 20.56
CA PHE B 249 -8.39 -8.89 20.80
C PHE B 249 -8.00 -8.24 19.47
N ASN B 250 -8.20 -6.91 19.39
CA ASN B 250 -7.94 -6.14 18.17
C ASN B 250 -6.60 -5.40 18.36
N LEU B 251 -5.69 -5.59 17.40
CA LEU B 251 -4.32 -5.08 17.52
C LEU B 251 -4.05 -3.98 16.46
N PRO B 252 -4.30 -2.72 16.84
CA PRO B 252 -4.30 -1.67 15.81
C PRO B 252 -2.91 -1.17 15.45
N ALA B 253 -2.62 -0.97 14.17
CA ALA B 253 -1.47 -0.12 13.86
C ALA B 253 -1.98 1.32 13.90
N THR B 254 -2.19 1.82 15.13
CA THR B 254 -2.68 3.19 15.40
C THR B 254 -1.90 4.28 14.62
N VAL B 255 -0.58 4.28 14.77
CA VAL B 255 0.30 4.79 13.71
C VAL B 255 0.92 3.53 13.03
N GLU B 256 0.89 3.46 11.68
CA GLU B 256 1.68 2.50 10.96
C GLU B 256 3.13 2.98 11.08
N MET B 257 3.96 2.23 11.79
CA MET B 257 5.25 2.72 12.21
C MET B 257 6.44 2.14 11.41
N THR B 258 6.21 0.99 10.82
CA THR B 258 7.27 0.27 10.12
C THR B 258 6.69 -0.58 8.99
N THR B 259 7.56 -1.36 8.33
CA THR B 259 7.19 -2.19 7.18
C THR B 259 6.17 -3.30 7.58
N PRO B 260 5.32 -3.70 6.63
CA PRO B 260 4.18 -4.66 6.87
C PRO B 260 4.59 -6.12 7.31
N ASN B 261 5.74 -6.59 6.87
CA ASN B 261 6.38 -7.81 7.40
C ASN B 261 6.60 -7.79 8.95
N VAL B 262 6.98 -6.64 9.51
CA VAL B 262 7.19 -6.52 10.99
C VAL B 262 5.84 -6.48 11.75
N TYR B 263 4.84 -5.81 11.20
CA TYR B 263 3.48 -5.99 11.70
C TYR B 263 3.02 -7.45 11.67
N ALA B 264 3.19 -8.11 10.53
CA ALA B 264 2.80 -9.51 10.38
C ALA B 264 3.55 -10.41 11.38
N ASP B 265 4.87 -10.18 11.58
CA ASP B 265 5.64 -10.93 12.56
C ASP B 265 5.03 -10.78 13.96
N SER B 266 4.67 -9.56 14.31
CA SER B 266 4.02 -9.28 15.59
C SER B 266 2.66 -10.00 15.78
N ILE B 267 1.84 -10.07 14.72
CA ILE B 267 0.55 -10.79 14.75
C ILE B 267 0.76 -12.27 14.94
N GLU B 268 1.71 -12.80 14.18
CA GLU B 268 2.03 -14.19 14.35
C GLU B 268 2.49 -14.47 15.79
N TRP B 269 3.40 -13.66 16.32
CA TRP B 269 3.87 -13.82 17.71
C TRP B 269 2.69 -13.81 18.74
N MET B 270 1.80 -12.86 18.60
CA MET B 270 0.59 -12.81 19.43
C MET B 270 -0.35 -14.01 19.29
N SER B 271 -0.55 -14.46 18.06
CA SER B 271 -1.43 -15.58 17.74
C SER B 271 -0.87 -16.87 18.29
N ARG B 272 0.47 -16.99 18.26
CA ARG B 272 1.22 -18.06 18.92
C ARG B 272 1.10 -18.07 20.44
N ASN B 273 1.27 -16.89 20.99
CA ASN B 273 1.47 -16.75 22.41
C ASN B 273 0.34 -16.27 23.30
N LEU B 274 -0.74 -15.70 22.76
CA LEU B 274 -1.90 -15.31 23.61
C LEU B 274 -2.52 -16.50 24.35
N ALA B 275 -2.82 -16.32 25.64
CA ALA B 275 -3.46 -17.37 26.44
C ALA B 275 -4.85 -17.61 25.88
N ASN B 276 -5.30 -18.85 25.98
CA ASN B 276 -6.66 -19.24 25.60
C ASN B 276 -6.98 -18.92 24.14
N ARG B 277 -6.03 -19.25 23.24
CA ARG B 277 -6.05 -18.78 21.85
C ARG B 277 -7.33 -19.24 21.08
N GLU B 278 -7.81 -20.44 21.38
CA GLU B 278 -9.03 -20.90 20.71
C GLU B 278 -10.31 -20.23 21.23
N SER B 279 -10.20 -19.38 22.26
CA SER B 279 -11.36 -18.51 22.63
C SER B 279 -11.13 -17.06 22.24
N VAL B 280 -10.14 -16.83 21.40
CA VAL B 280 -9.79 -15.48 20.94
C VAL B 280 -10.12 -15.30 19.45
N ILE B 281 -10.76 -14.18 19.10
CA ILE B 281 -10.82 -13.72 17.71
C ILE B 281 -9.77 -12.61 17.57
N LEU B 282 -8.69 -12.91 16.83
CA LEU B 282 -7.53 -12.04 16.66
C LEU B 282 -7.81 -11.11 15.50
N SER B 283 -7.96 -9.82 15.81
CA SER B 283 -8.46 -8.86 14.83
C SER B 283 -7.36 -7.84 14.45
N LEU B 284 -7.39 -7.36 13.22
CA LEU B 284 -6.40 -6.37 12.74
C LEU B 284 -7.05 -5.00 12.52
N HIS B 285 -6.33 -3.92 12.87
CA HIS B 285 -6.80 -2.56 12.56
C HIS B 285 -5.60 -1.73 12.11
N PRO B 286 -5.12 -1.98 10.86
CA PRO B 286 -3.89 -1.33 10.34
C PRO B 286 -4.17 0.02 9.65
N HIS B 287 -3.56 1.12 10.13
CA HIS B 287 -3.63 2.39 9.40
C HIS B 287 -2.55 2.52 8.31
N ASN B 288 -2.64 3.61 7.54
CA ASN B 288 -1.94 3.75 6.31
C ASN B 288 -0.82 4.83 6.30
N ASP B 289 -0.27 5.20 7.46
CA ASP B 289 0.81 6.23 7.56
C ASP B 289 1.99 6.06 6.60
N ARG B 290 2.36 4.80 6.35
CA ARG B 290 3.50 4.46 5.47
C ARG B 290 3.03 3.98 4.09
N GLY B 291 1.73 4.13 3.83
CA GLY B 291 1.07 3.62 2.62
C GLY B 291 1.07 2.11 2.46
N THR B 292 1.23 1.36 3.56
CA THR B 292 1.26 -0.09 3.49
C THR B 292 0.19 -0.84 4.33
N ALA B 293 -0.93 -0.18 4.61
CA ALA B 293 -2.10 -0.79 5.33
C ALA B 293 -2.66 -2.10 4.74
N VAL B 294 -3.01 -2.06 3.46
CA VAL B 294 -3.38 -3.29 2.74
C VAL B 294 -2.36 -4.45 2.90
N ALA B 295 -1.07 -4.16 2.71
CA ALA B 295 -0.05 -5.19 2.86
C ALA B 295 0.02 -5.70 4.29
N ALA B 296 -0.05 -4.78 5.25
CA ALA B 296 -0.02 -5.11 6.68
C ALA B 296 -1.20 -6.07 6.99
N ALA B 297 -2.40 -5.75 6.47
CA ALA B 297 -3.57 -6.60 6.67
C ALA B 297 -3.41 -8.01 6.03
N GLU B 298 -2.84 -8.13 4.82
CA GLU B 298 -2.85 -9.39 4.11
C GLU B 298 -1.78 -10.30 4.71
N LEU B 299 -0.60 -9.72 4.98
CA LEU B 299 0.47 -10.46 5.62
C LEU B 299 0.06 -10.87 7.05
N GLY B 300 -0.62 -9.96 7.74
CA GLY B 300 -1.15 -10.19 9.09
C GLY B 300 -2.26 -11.22 9.13
N PHE B 301 -3.04 -11.31 8.07
CA PHE B 301 -4.05 -12.39 8.00
C PHE B 301 -3.33 -13.80 7.82
N ALA B 302 -2.33 -13.79 6.93
CA ALA B 302 -1.48 -14.97 6.72
C ALA B 302 -0.72 -15.34 8.00
N ALA B 303 -0.39 -14.35 8.84
CA ALA B 303 0.19 -14.59 10.18
C ALA B 303 -0.78 -15.25 11.19
N GLY B 304 -2.05 -15.45 10.82
CA GLY B 304 -3.03 -16.08 11.75
C GLY B 304 -4.15 -15.23 12.34
N ALA B 305 -4.25 -13.97 11.90
CA ALA B 305 -5.39 -13.17 12.31
C ALA B 305 -6.70 -13.82 11.84
N ASP B 306 -7.82 -13.44 12.43
CA ASP B 306 -9.15 -14.01 12.08
C ASP B 306 -10.12 -12.96 11.51
N ARG B 307 -9.80 -11.70 11.78
CA ARG B 307 -10.74 -10.58 11.63
C ARG B 307 -9.96 -9.34 11.22
N ILE B 308 -10.53 -8.53 10.33
CA ILE B 308 -9.92 -7.27 9.90
C ILE B 308 -10.98 -6.14 9.99
N GLU B 309 -10.62 -5.12 10.74
CA GLU B 309 -11.32 -3.83 10.82
C GLU B 309 -10.83 -2.82 9.77
N GLY B 310 -11.73 -2.35 8.89
CA GLY B 310 -11.38 -1.33 7.89
C GLY B 310 -12.61 -0.54 7.44
N CYS B 311 -12.43 0.27 6.38
CA CYS B 311 -13.48 1.08 5.77
C CYS B 311 -13.48 0.91 4.28
N LEU B 312 -14.64 1.11 3.66
CA LEU B 312 -14.72 1.24 2.21
C LEU B 312 -13.85 2.41 1.73
N PHE B 313 -13.02 2.10 0.74
CA PHE B 313 -12.11 3.09 0.16
C PHE B 313 -11.17 3.76 1.11
N GLY B 314 -10.87 3.08 2.23
CA GLY B 314 -9.86 3.48 3.21
C GLY B 314 -10.08 4.76 4.01
N ASN B 315 -11.33 5.11 4.24
CA ASN B 315 -11.64 6.35 4.96
C ASN B 315 -11.26 6.15 6.43
N GLY B 316 -10.73 7.19 7.07
CA GLY B 316 -10.23 7.11 8.44
C GLY B 316 -9.23 8.24 8.68
N GLU B 317 -8.92 8.56 9.93
CA GLU B 317 -8.13 9.77 10.16
C GLU B 317 -6.78 9.75 9.45
N ARG B 318 -6.37 10.95 9.02
CA ARG B 318 -5.13 11.20 8.32
C ARG B 318 -5.00 10.34 7.05
N THR B 319 -4.12 9.32 7.06
CA THR B 319 -3.97 8.51 5.83
C THR B 319 -5.08 7.43 5.79
N GLY B 320 -5.78 7.25 6.89
CA GLY B 320 -6.98 6.43 6.85
C GLY B 320 -6.82 5.01 7.29
N ASN B 321 -7.93 4.30 7.19
CA ASN B 321 -8.01 2.87 7.50
C ASN B 321 -7.63 1.96 6.36
N VAL B 322 -7.33 0.69 6.65
CA VAL B 322 -7.22 -0.29 5.56
C VAL B 322 -8.45 -0.34 4.65
N CYS B 323 -8.22 -0.33 3.34
CA CYS B 323 -9.32 -0.34 2.39
C CYS B 323 -10.01 -1.74 2.27
N LEU B 324 -11.28 -1.80 2.67
CA LEU B 324 -12.03 -3.06 2.58
C LEU B 324 -12.29 -3.50 1.16
N VAL B 325 -12.36 -2.54 0.24
CA VAL B 325 -12.66 -2.85 -1.14
C VAL B 325 -11.45 -3.54 -1.81
N THR B 326 -10.26 -2.98 -1.56
CA THR B 326 -9.04 -3.48 -2.13
C THR B 326 -8.78 -4.87 -1.57
N LEU B 327 -8.93 -5.04 -0.25
CA LEU B 327 -8.74 -6.31 0.43
C LEU B 327 -9.69 -7.35 -0.11
N GLY B 328 -10.98 -6.99 -0.24
CA GLY B 328 -12.01 -7.87 -0.82
C GLY B 328 -11.75 -8.28 -2.26
N LEU B 329 -11.45 -7.31 -3.12
CA LEU B 329 -11.19 -7.60 -4.51
C LEU B 329 -9.84 -8.28 -4.74
N ASN B 330 -8.87 -8.03 -3.84
CA ASN B 330 -7.59 -8.75 -3.88
C ASN B 330 -7.77 -10.25 -3.65
N LEU B 331 -8.81 -10.62 -2.90
CA LEU B 331 -9.22 -12.01 -2.72
C LEU B 331 -9.92 -12.57 -4.02
N PHE B 332 -10.96 -11.90 -4.50
CA PHE B 332 -11.72 -12.31 -5.71
C PHE B 332 -10.83 -12.52 -6.93
N SER B 333 -9.89 -11.57 -7.16
CA SER B 333 -9.03 -11.56 -8.37
C SER B 333 -7.94 -12.67 -8.38
N ARG B 334 -7.82 -13.39 -7.25
CA ARG B 334 -6.91 -14.53 -7.15
C ARG B 334 -7.71 -15.80 -6.78
N GLY B 335 -9.02 -15.76 -7.04
CA GLY B 335 -9.89 -16.98 -6.93
C GLY B 335 -10.50 -17.28 -5.58
N VAL B 336 -10.45 -16.33 -4.65
CA VAL B 336 -11.03 -16.52 -3.34
C VAL B 336 -12.29 -15.64 -3.16
N ASP B 337 -13.41 -16.24 -2.75
CA ASP B 337 -14.65 -15.48 -2.47
C ASP B 337 -14.50 -14.55 -1.25
N PRO B 338 -14.61 -13.22 -1.47
CA PRO B 338 -14.52 -12.29 -0.33
C PRO B 338 -15.76 -12.35 0.59
N GLN B 339 -16.86 -12.97 0.13
CA GLN B 339 -18.14 -13.06 0.90
C GLN B 339 -18.82 -11.69 1.04
N ILE B 340 -18.46 -10.82 0.10
CA ILE B 340 -18.98 -9.48 0.00
C ILE B 340 -19.26 -9.28 -1.50
N ASP B 341 -20.35 -8.54 -1.78
CA ASP B 341 -20.75 -8.25 -3.15
C ASP B 341 -20.16 -6.92 -3.66
N PHE B 342 -19.29 -7.02 -4.65
CA PHE B 342 -18.63 -5.89 -5.28
C PHE B 342 -18.99 -5.83 -6.76
N SER B 343 -20.12 -6.48 -7.16
CA SER B 343 -20.54 -6.59 -8.56
C SER B 343 -20.91 -5.24 -9.17
N ASN B 344 -21.26 -4.28 -8.34
CA ASN B 344 -21.47 -2.94 -8.85
C ASN B 344 -20.62 -1.93 -8.08
N ILE B 345 -19.35 -1.82 -8.45
CA ILE B 345 -18.41 -0.98 -7.69
C ILE B 345 -18.74 0.51 -7.78
N ASP B 346 -19.33 0.89 -8.91
CA ASP B 346 -19.80 2.25 -9.12
C ASP B 346 -20.85 2.63 -8.08
N GLU B 347 -21.84 1.73 -7.87
CA GLU B 347 -22.88 1.94 -6.85
C GLU B 347 -22.28 2.11 -5.45
N ILE B 348 -21.37 1.21 -5.05
CA ILE B 348 -20.61 1.34 -3.79
C ILE B 348 -19.89 2.68 -3.70
N ARG B 349 -19.17 3.05 -4.75
CA ARG B 349 -18.38 4.27 -4.80
C ARG B 349 -19.25 5.53 -4.71
N ARG B 350 -20.37 5.54 -5.47
CA ARG B 350 -21.30 6.69 -5.42
C ARG B 350 -21.79 6.94 -3.98
N THR B 351 -22.14 5.86 -3.30
CA THR B 351 -22.67 5.89 -1.95
C THR B 351 -21.60 6.32 -0.95
N VAL B 352 -20.41 5.74 -1.10
CA VAL B 352 -19.27 6.15 -0.26
C VAL B 352 -18.99 7.66 -0.35
N GLU B 353 -18.91 8.18 -1.58
CA GLU B 353 -18.61 9.57 -1.82
C GLU B 353 -19.75 10.48 -1.29
N TYR B 354 -21.01 10.08 -1.52
CA TYR B 354 -22.18 10.78 -0.90
C TYR B 354 -22.09 10.80 0.66
N CYS B 355 -21.70 9.69 1.31
CA CYS B 355 -21.70 9.58 2.79
C CYS B 355 -20.52 10.32 3.41
N ASN B 356 -19.35 10.23 2.78
CA ASN B 356 -18.10 10.80 3.33
C ASN B 356 -17.85 12.23 2.87
N GLN B 357 -18.48 12.60 1.74
CA GLN B 357 -18.30 13.91 1.11
C GLN B 357 -16.81 14.16 0.81
N LEU B 358 -16.14 13.11 0.31
CA LEU B 358 -14.73 12.99 -0.07
C LEU B 358 -14.61 11.93 -1.20
N PRO B 359 -13.79 12.21 -2.26
CA PRO B 359 -13.73 11.40 -3.48
C PRO B 359 -12.92 10.14 -3.33
N VAL B 360 -13.26 9.15 -4.14
CA VAL B 360 -12.36 8.01 -4.40
C VAL B 360 -11.35 8.50 -5.48
N HIS B 361 -10.06 8.41 -5.17
CA HIS B 361 -9.04 8.90 -6.08
C HIS B 361 -9.16 8.14 -7.42
N GLU B 362 -8.68 8.79 -8.48
CA GLU B 362 -8.69 8.30 -9.86
C GLU B 362 -7.99 6.95 -9.99
N ARG B 363 -7.00 6.73 -9.15
CA ARG B 363 -6.08 5.61 -9.23
C ARG B 363 -6.34 4.61 -8.10
N HIS B 364 -7.35 4.88 -7.26
CA HIS B 364 -7.72 3.92 -6.23
C HIS B 364 -7.94 2.49 -6.81
N PRO B 365 -7.23 1.47 -6.25
CA PRO B 365 -7.44 0.10 -6.73
C PRO B 365 -8.94 -0.27 -6.84
N TYR B 366 -9.28 -0.92 -7.97
CA TYR B 366 -10.63 -1.43 -8.35
C TYR B 366 -11.72 -0.39 -8.65
N GLY B 367 -11.69 0.73 -7.95
CA GLY B 367 -12.82 1.66 -7.99
C GLY B 367 -12.50 2.97 -8.66
N GLY B 368 -11.24 3.39 -8.66
CA GLY B 368 -10.88 4.71 -9.21
C GLY B 368 -11.26 4.86 -10.68
N ASP B 369 -11.54 6.10 -11.08
CA ASP B 369 -11.91 6.50 -12.46
C ASP B 369 -11.08 5.89 -13.56
N LEU B 370 -9.76 5.79 -13.38
CA LEU B 370 -8.87 5.43 -14.49
C LEU B 370 -8.34 4.00 -14.45
N VAL B 371 -8.82 3.20 -13.48
CA VAL B 371 -8.39 1.80 -13.33
C VAL B 371 -8.71 0.78 -14.46
N TYR B 372 -9.74 1.00 -15.29
CA TYR B 372 -10.04 0.13 -16.42
C TYR B 372 -9.75 0.83 -17.76
N THR B 373 -8.83 1.83 -17.69
CA THR B 373 -8.42 2.60 -18.88
C THR B 373 -7.06 2.13 -19.41
N ALA B 374 -6.89 2.13 -20.74
CA ALA B 374 -5.55 2.00 -21.32
C ALA B 374 -5.27 3.12 -22.33
N PHE B 375 -4.22 3.89 -22.05
CA PHE B 375 -3.72 4.94 -22.95
C PHE B 375 -2.65 4.43 -23.91
N SER B 376 -1.85 3.47 -23.46
CA SER B 376 -0.74 2.99 -24.26
C SER B 376 -1.25 2.24 -25.46
N GLY B 377 -0.71 2.62 -26.62
CA GLY B 377 -1.04 1.96 -27.90
C GLY B 377 -0.65 0.50 -27.89
N SER B 378 0.51 0.20 -27.34
CA SER B 378 0.95 -1.20 -27.23
C SER B 378 0.06 -2.02 -26.31
N HIS B 379 -0.38 -1.45 -25.20
CA HIS B 379 -1.22 -2.19 -24.23
C HIS B 379 -2.60 -2.41 -24.84
N GLN B 380 -3.13 -1.38 -25.49
CA GLN B 380 -4.36 -1.50 -26.25
C GLN B 380 -4.37 -2.66 -27.25
N ASP B 381 -3.27 -2.81 -28.01
CA ASP B 381 -3.09 -3.90 -28.98
C ASP B 381 -3.14 -5.23 -28.24
N ALA B 382 -2.36 -5.36 -27.16
CA ALA B 382 -2.24 -6.59 -26.34
C ALA B 382 -3.57 -6.97 -25.70
N ILE B 383 -4.33 -5.96 -25.26
CA ILE B 383 -5.67 -6.13 -24.65
C ILE B 383 -6.63 -6.72 -25.69
N ASN B 384 -6.70 -6.11 -26.88
CA ASN B 384 -7.43 -6.71 -28.03
C ASN B 384 -7.02 -8.16 -28.34
N LYS B 385 -5.71 -8.45 -28.34
CA LYS B 385 -5.27 -9.84 -28.58
C LYS B 385 -5.78 -10.80 -27.49
N GLY B 386 -5.63 -10.40 -26.23
CA GLY B 386 -6.19 -11.12 -25.12
C GLY B 386 -7.67 -11.40 -25.31
N LEU B 387 -8.47 -10.35 -25.57
CA LEU B 387 -9.95 -10.43 -25.71
C LEU B 387 -10.41 -11.26 -26.92
N ASP B 388 -9.76 -11.03 -28.08
CA ASP B 388 -9.94 -11.91 -29.26
C ASP B 388 -9.64 -13.40 -29.04
N ALA B 389 -8.59 -13.71 -28.29
CA ALA B 389 -8.26 -15.12 -28.02
C ALA B 389 -9.23 -15.80 -27.05
N MET B 390 -9.77 -15.01 -26.12
CA MET B 390 -10.79 -15.51 -25.21
C MET B 390 -12.07 -15.93 -25.95
N LYS B 391 -12.53 -15.05 -26.83
CA LYS B 391 -13.72 -15.28 -27.64
C LYS B 391 -13.56 -16.52 -28.53
N LEU B 392 -12.41 -16.64 -29.18
CA LEU B 392 -12.12 -17.83 -29.99
C LEU B 392 -12.04 -19.08 -29.13
N ASP B 393 -11.57 -18.97 -27.90
CA ASP B 393 -11.69 -20.11 -26.97
C ASP B 393 -13.12 -20.35 -26.49
N ALA B 394 -13.92 -19.29 -26.34
CA ALA B 394 -15.33 -19.46 -25.91
C ALA B 394 -16.08 -20.26 -26.95
N ASP B 395 -16.30 -19.62 -28.11
CA ASP B 395 -16.76 -20.26 -29.35
C ASP B 395 -16.18 -21.66 -29.60
N ALA B 396 -14.87 -21.87 -29.39
CA ALA B 396 -14.28 -23.22 -29.50
C ALA B 396 -14.95 -24.23 -28.59
N ALA B 397 -15.28 -23.81 -27.37
CA ALA B 397 -15.73 -24.73 -26.32
C ALA B 397 -17.24 -24.69 -26.10
N ASP B 398 -17.96 -24.08 -27.04
CA ASP B 398 -19.40 -23.77 -26.92
C ASP B 398 -19.79 -23.13 -25.57
N CYS B 399 -18.87 -22.32 -25.02
CA CYS B 399 -19.02 -21.66 -23.73
C CYS B 399 -19.34 -20.19 -23.88
N ASP B 400 -19.82 -19.58 -22.80
CA ASP B 400 -20.00 -18.15 -22.74
C ASP B 400 -18.65 -17.56 -22.31
N VAL B 401 -18.12 -16.65 -23.14
CA VAL B 401 -16.82 -15.96 -22.90
C VAL B 401 -16.75 -15.38 -21.48
N ASP B 402 -17.88 -14.80 -21.04
CA ASP B 402 -18.04 -14.27 -19.68
C ASP B 402 -17.92 -15.29 -18.55
N ASP B 403 -17.98 -16.57 -18.87
CA ASP B 403 -17.81 -17.55 -17.79
C ASP B 403 -16.43 -18.17 -17.74
N MET B 404 -15.59 -17.81 -18.72
CA MET B 404 -14.29 -18.45 -18.91
C MET B 404 -13.18 -17.73 -18.16
N LEU B 405 -12.13 -18.47 -17.87
CA LEU B 405 -10.93 -17.97 -17.25
C LEU B 405 -10.51 -16.64 -17.89
N TRP B 406 -10.37 -15.61 -17.07
CA TRP B 406 -10.01 -14.27 -17.58
C TRP B 406 -8.52 -14.19 -17.97
N GLN B 407 -8.24 -13.83 -19.21
CA GLN B 407 -6.85 -13.88 -19.73
C GLN B 407 -6.60 -12.72 -20.64
N VAL B 408 -6.40 -11.55 -20.06
CA VAL B 408 -6.22 -10.34 -20.85
C VAL B 408 -5.01 -9.64 -20.28
N PRO B 409 -3.98 -9.39 -21.14
CA PRO B 409 -2.84 -8.63 -20.69
C PRO B 409 -3.23 -7.25 -20.13
N TYR B 410 -2.59 -6.88 -19.02
CA TYR B 410 -2.75 -5.57 -18.38
C TYR B 410 -4.02 -5.39 -17.55
N LEU B 411 -4.99 -6.29 -17.64
CA LEU B 411 -6.20 -6.11 -16.89
C LEU B 411 -6.36 -7.30 -15.96
N PRO B 412 -6.06 -7.10 -14.67
CA PRO B 412 -6.17 -8.18 -13.68
C PRO B 412 -7.57 -8.85 -13.56
N ILE B 413 -8.65 -8.07 -13.77
CA ILE B 413 -10.03 -8.56 -13.74
C ILE B 413 -10.82 -8.05 -14.93
N ASP B 414 -11.89 -8.77 -15.28
CA ASP B 414 -12.82 -8.31 -16.30
C ASP B 414 -13.55 -7.12 -15.67
N PRO B 415 -13.42 -5.90 -16.26
CA PRO B 415 -14.11 -4.75 -15.66
C PRO B 415 -15.61 -5.04 -15.46
N ARG B 416 -16.22 -5.81 -16.35
CA ARG B 416 -17.67 -6.19 -16.20
C ARG B 416 -18.00 -6.99 -14.94
N ASP B 417 -17.03 -7.71 -14.36
CA ASP B 417 -17.24 -8.45 -13.07
C ASP B 417 -17.47 -7.51 -11.85
N VAL B 418 -17.07 -6.25 -11.98
CA VAL B 418 -17.40 -5.20 -11.02
C VAL B 418 -18.37 -4.14 -11.57
N GLY B 419 -18.96 -4.44 -12.74
CA GLY B 419 -19.93 -3.55 -13.42
C GLY B 419 -19.33 -2.34 -14.10
N ARG B 420 -18.06 -2.45 -14.50
CA ARG B 420 -17.32 -1.31 -15.10
C ARG B 420 -17.02 -1.73 -16.52
N THR B 421 -16.42 -0.85 -17.30
CA THR B 421 -16.09 -1.16 -18.69
C THR B 421 -14.64 -0.78 -19.03
N TYR B 422 -14.01 -1.59 -19.89
CA TYR B 422 -12.68 -1.27 -20.30
C TYR B 422 -12.81 -0.10 -21.27
N GLU B 423 -11.88 0.86 -21.16
CA GLU B 423 -11.87 1.95 -22.10
C GLU B 423 -10.48 2.14 -22.69
N ALA B 424 -10.39 1.92 -24.01
CA ALA B 424 -9.20 2.34 -24.75
C ALA B 424 -9.30 3.84 -25.08
N VAL B 425 -8.36 4.62 -24.57
CA VAL B 425 -8.35 6.08 -24.77
C VAL B 425 -7.14 6.57 -25.56
NI NI C . 4.98 2.07 -14.60
C1 GOL D . -1.33 11.22 -9.69
O1 GOL D . -1.99 9.96 -9.68
C2 GOL D . -1.64 12.08 -8.45
O2 GOL D . -1.54 11.44 -7.21
C3 GOL D . -0.71 13.31 -8.40
O3 GOL D . -0.96 14.06 -9.57
NI NI E . -8.82 3.50 12.34
C1 GOL F . -12.06 8.29 1.84
O1 GOL F . -10.77 8.82 2.12
C2 GOL F . -12.24 8.15 0.33
O2 GOL F . -11.28 7.30 -0.25
C3 GOL F . -13.67 7.69 -0.01
O3 GOL F . -14.60 8.72 0.26
#